data_3A75
#
_entry.id   3A75
#
_cell.length_a   49.400
_cell.length_b   98.890
_cell.length_c   227.200
_cell.angle_alpha   90.00
_cell.angle_beta   90.00
_cell.angle_gamma   90.00
#
_symmetry.space_group_name_H-M   'P 21 21 21'
#
loop_
_entity.id
_entity.type
_entity.pdbx_description
1 polymer 'Gamma-glutamyltranspeptidase large chain'
2 polymer 'Gamma-glutamyltranspeptidase small chain'
3 non-polymer 'GLUTAMIC ACID'
4 water water
#
loop_
_entity_poly.entity_id
_entity_poly.type
_entity_poly.pdbx_seq_one_letter_code
_entity_poly.pdbx_strand_id
1 'polypeptide(L)'
;MNHKVHHHHHHIEGRHMDEYKQVDVGKDGMVATAHPLASEIGADVLKKGGNAIDAAVAIQFALNVTEPMMSGIGGGGFMM
VYDGKTKDTTIIDSRERAPAGATPDMFLDENGKAIPFSERVTKGTAVGVPGTLKGLEEALDKWGTRSMKQLITPSIKLAE
KGFPIDSVLAEAISDYQEKLSRTAAKDVFLPNGEPLKEGDTLIQKDLAKTFKLIRSKGTDAFYKGKFAKTLSDTVQDFGG
SMTEKDLENYDITIDEPIWGDYQGYQIATTPPPSSGGIFLLQMLKILDHFNLSQYDVRSWEKYQLLAETMHLSYADRASY
AGDPEFVNVPLKGLLHPDYIKERQQLINLDQVNKKPKAGDPWKYQEGSANYKQVEQPKDKVEGQ
;
A,C
2 'polypeptide(L)'
;TTHFTVADRWGNVVSYTTTIEQLFGTGIMVPDYGVILNNELTDFDAIPGGANEVQPNKRPLSSMTPTILFKDDKPVLTVG
SPGGATIISSVLQTILYHIEYGMELKAAVEEPRIYTNSMSSYRYEDGVPKDVLSKLNGMGHKFGTSPVDIGNVQSISIDH
ENGTFKGVADSSRNGAAIGINLKRK
;
B,D
#
# COMPACT_ATOMS: atom_id res chain seq x y z
N GLU A 19 -4.44 -5.04 3.65
CA GLU A 19 -4.91 -4.09 2.59
C GLU A 19 -6.22 -3.41 3.00
N TYR A 20 -6.57 -2.34 2.30
CA TYR A 20 -7.78 -1.54 2.62
C TYR A 20 -9.09 -2.28 2.69
N LYS A 21 -9.92 -1.89 3.65
CA LYS A 21 -11.20 -2.58 3.88
C LYS A 21 -12.37 -1.63 3.75
N GLN A 22 -13.52 -2.16 3.35
CA GLN A 22 -14.72 -1.30 3.26
C GLN A 22 -15.59 -1.36 4.50
N VAL A 23 -15.18 -2.19 5.46
CA VAL A 23 -15.86 -2.27 6.72
C VAL A 23 -14.73 -2.51 7.77
N ASP A 24 -14.73 -1.79 8.88
CA ASP A 24 -13.71 -2.03 9.89
C ASP A 24 -14.29 -1.71 11.24
N VAL A 25 -13.58 -2.11 12.28
CA VAL A 25 -14.04 -1.85 13.63
C VAL A 25 -12.87 -1.26 14.39
N GLY A 26 -13.17 -0.58 15.48
CA GLY A 26 -12.10 0.04 16.22
C GLY A 26 -12.64 0.36 17.57
N LYS A 27 -11.70 0.42 18.50
CA LYS A 27 -11.94 0.68 19.91
C LYS A 27 -11.76 2.15 20.18
N ASP A 28 -10.93 2.80 19.38
CA ASP A 28 -10.58 4.20 19.66
C ASP A 28 -10.95 5.21 18.61
N GLY A 29 -11.63 4.77 17.56
CA GLY A 29 -12.00 5.77 16.58
C GLY A 29 -12.29 5.13 15.27
N MET A 30 -12.70 5.95 14.30
CA MET A 30 -13.04 5.36 13.02
C MET A 30 -13.06 6.48 11.98
N VAL A 31 -12.64 6.10 10.79
CA VAL A 31 -12.59 6.98 9.63
C VAL A 31 -13.19 6.22 8.47
N ALA A 32 -14.02 6.90 7.67
CA ALA A 32 -14.59 6.27 6.47
C ALA A 32 -14.64 7.36 5.39
N THR A 33 -13.91 7.15 4.30
CA THR A 33 -13.87 8.12 3.22
C THR A 33 -13.90 7.37 1.88
N ALA A 34 -14.10 8.10 0.80
CA ALA A 34 -14.15 7.47 -0.51
C ALA A 34 -12.79 7.19 -1.14
N HIS A 35 -11.69 7.48 -0.45
CA HIS A 35 -10.38 7.22 -1.03
C HIS A 35 -9.41 6.69 0.05
N PRO A 36 -8.78 5.55 -0.20
CA PRO A 36 -7.83 4.94 0.77
C PRO A 36 -6.73 5.84 1.29
N LEU A 37 -6.18 6.70 0.42
CA LEU A 37 -5.08 7.57 0.84
C LEU A 37 -5.60 8.64 1.78
N ALA A 38 -6.86 9.05 1.59
CA ALA A 38 -7.42 10.06 2.44
C ALA A 38 -7.80 9.33 3.75
N SER A 39 -8.28 8.09 3.66
CA SER A 39 -8.65 7.42 4.91
C SER A 39 -7.36 7.21 5.70
N GLU A 40 -6.28 6.90 5.01
CA GLU A 40 -5.01 6.67 5.73
C GLU A 40 -4.57 7.95 6.41
N ILE A 41 -4.65 9.09 5.72
CA ILE A 41 -4.23 10.35 6.32
C ILE A 41 -5.06 10.74 7.55
N GLY A 42 -6.38 10.60 7.45
CA GLY A 42 -7.20 10.94 8.59
C GLY A 42 -6.94 9.95 9.74
N ALA A 43 -6.75 8.68 9.43
CA ALA A 43 -6.53 7.72 10.53
C ALA A 43 -5.21 8.05 11.19
N ASP A 44 -4.20 8.41 10.38
CA ASP A 44 -2.87 8.79 10.92
C ASP A 44 -2.98 9.91 11.97
N VAL A 45 -3.80 10.91 11.64
CA VAL A 45 -4.05 12.00 12.58
C VAL A 45 -4.64 11.50 13.91
N LEU A 46 -5.59 10.57 13.85
CA LEU A 46 -6.20 10.08 15.09
C LEU A 46 -5.17 9.25 15.87
N LYS A 47 -4.45 8.39 15.18
CA LYS A 47 -3.42 7.56 15.81
C LYS A 47 -2.35 8.42 16.51
N LYS A 48 -2.06 9.59 15.97
CA LYS A 48 -1.08 10.46 16.57
C LYS A 48 -1.70 11.42 17.60
N GLY A 49 -2.92 11.12 18.04
CA GLY A 49 -3.51 11.91 19.12
C GLY A 49 -4.47 13.04 18.80
N GLY A 50 -4.66 13.34 17.53
CA GLY A 50 -5.58 14.42 17.17
C GLY A 50 -7.02 13.95 17.28
N ASN A 51 -7.97 14.89 17.18
CA ASN A 51 -9.40 14.55 17.30
C ASN A 51 -10.11 14.44 15.97
N ALA A 52 -11.39 14.08 16.00
CA ALA A 52 -12.14 13.91 14.76
C ALA A 52 -12.15 15.15 13.84
N ILE A 53 -12.21 16.34 14.40
CA ILE A 53 -12.23 17.52 13.59
C ILE A 53 -10.84 17.68 12.92
N ASP A 54 -9.77 17.46 13.68
CA ASP A 54 -8.42 17.58 13.07
C ASP A 54 -8.36 16.62 11.91
N ALA A 55 -8.74 15.36 12.16
CA ALA A 55 -8.72 14.31 11.14
C ALA A 55 -9.57 14.73 9.92
N ALA A 56 -10.78 15.20 10.15
CA ALA A 56 -11.64 15.63 9.06
C ALA A 56 -11.01 16.72 8.18
N VAL A 57 -10.36 17.71 8.79
CA VAL A 57 -9.70 18.76 8.02
C VAL A 57 -8.60 18.14 7.17
N ALA A 58 -7.82 17.21 7.76
CA ALA A 58 -6.73 16.54 7.04
C ALA A 58 -7.28 15.79 5.84
N ILE A 59 -8.39 15.12 6.11
CA ILE A 59 -9.04 14.34 5.09
C ILE A 59 -9.49 15.23 3.94
N GLN A 60 -10.07 16.39 4.25
CA GLN A 60 -10.54 17.26 3.18
C GLN A 60 -9.41 17.67 2.28
N PHE A 61 -8.24 17.97 2.83
CA PHE A 61 -7.15 18.36 1.94
C PHE A 61 -6.69 17.16 1.12
N ALA A 62 -6.66 15.97 1.73
CA ALA A 62 -6.23 14.78 1.02
C ALA A 62 -7.17 14.45 -0.15
N LEU A 63 -8.48 14.57 0.08
CA LEU A 63 -9.47 14.31 -0.97
C LEU A 63 -9.34 15.33 -2.09
N ASN A 64 -9.05 16.59 -1.72
CA ASN A 64 -8.84 17.68 -2.67
C ASN A 64 -7.76 17.25 -3.65
N VAL A 65 -6.72 16.58 -3.13
CA VAL A 65 -5.65 16.13 -4.01
C VAL A 65 -5.90 14.81 -4.76
N THR A 66 -6.42 13.80 -4.06
CA THR A 66 -6.61 12.46 -4.62
C THR A 66 -7.94 12.13 -5.29
N GLU A 67 -8.98 12.92 -5.02
CA GLU A 67 -10.30 12.72 -5.64
C GLU A 67 -10.59 14.16 -6.07
N PRO A 68 -9.69 14.75 -6.88
CA PRO A 68 -9.84 16.13 -7.32
C PRO A 68 -11.10 16.52 -8.05
N MET A 69 -11.73 15.57 -8.70
CA MET A 69 -12.92 15.91 -9.46
C MET A 69 -14.15 16.00 -8.56
N MET A 70 -14.01 15.58 -7.29
CA MET A 70 -15.15 15.57 -6.34
C MET A 70 -15.30 16.66 -5.32
N SER A 71 -14.20 17.26 -4.87
CA SER A 71 -14.33 18.32 -3.86
C SER A 71 -13.03 19.08 -3.68
N GLY A 72 -13.04 20.16 -2.89
CA GLY A 72 -11.78 20.85 -2.68
C GLY A 72 -11.89 22.29 -2.28
N ILE A 73 -10.76 23.00 -2.19
CA ILE A 73 -10.80 24.39 -1.75
C ILE A 73 -11.49 25.25 -2.80
N GLY A 74 -11.69 24.69 -4.00
CA GLY A 74 -12.46 25.41 -5.03
C GLY A 74 -13.99 25.26 -4.89
N GLY A 75 -14.46 24.62 -3.82
CA GLY A 75 -15.91 24.48 -3.66
C GLY A 75 -16.46 24.80 -2.28
N GLY A 76 -17.39 23.98 -1.82
CA GLY A 76 -18.01 24.22 -0.51
C GLY A 76 -18.73 22.98 0.01
N GLY A 77 -19.17 23.02 1.27
CA GLY A 77 -19.83 21.87 1.84
C GLY A 77 -20.59 22.13 3.10
N PHE A 78 -21.05 21.05 3.75
CA PHE A 78 -21.78 21.15 5.00
C PHE A 78 -21.06 20.17 5.93
N MET A 79 -20.53 20.67 7.01
CA MET A 79 -19.77 19.80 7.91
C MET A 79 -20.53 19.75 9.24
N MET A 80 -21.07 18.59 9.58
CA MET A 80 -21.80 18.49 10.82
C MET A 80 -20.87 17.90 11.88
N VAL A 81 -20.86 18.52 13.05
CA VAL A 81 -20.00 18.12 14.16
C VAL A 81 -20.74 18.00 15.48
N TYR A 82 -20.60 16.84 16.08
CA TYR A 82 -21.17 16.63 17.39
C TYR A 82 -19.91 16.82 18.25
N ASP A 83 -19.99 17.72 19.22
CA ASP A 83 -18.87 18.04 20.12
C ASP A 83 -19.00 17.16 21.35
N GLY A 84 -18.03 16.29 21.56
CA GLY A 84 -18.12 15.38 22.68
C GLY A 84 -17.93 16.05 24.04
N LYS A 85 -17.50 17.31 24.05
CA LYS A 85 -17.27 18.04 25.28
C LYS A 85 -18.51 18.77 25.69
N THR A 86 -19.05 19.58 24.78
CA THR A 86 -20.25 20.34 25.11
C THR A 86 -21.55 19.64 24.79
N LYS A 87 -21.46 18.52 24.09
CA LYS A 87 -22.64 17.76 23.72
C LYS A 87 -23.56 18.43 22.69
N ASP A 88 -23.18 19.59 22.17
CA ASP A 88 -23.99 20.29 21.13
C ASP A 88 -23.55 19.87 19.72
N THR A 89 -24.51 19.92 18.78
CA THR A 89 -24.25 19.57 17.38
C THR A 89 -24.48 20.83 16.54
N THR A 90 -23.53 21.14 15.68
CA THR A 90 -23.62 22.33 14.82
C THR A 90 -23.14 21.99 13.42
N ILE A 91 -23.48 22.84 12.46
CA ILE A 91 -23.07 22.67 11.10
C ILE A 91 -22.21 23.86 10.63
N ILE A 92 -21.05 23.59 10.06
CA ILE A 92 -20.19 24.63 9.46
C ILE A 92 -20.66 24.53 8.00
N ASP A 93 -21.41 25.55 7.59
CA ASP A 93 -22.01 25.65 6.26
C ASP A 93 -21.07 26.45 5.38
N SER A 94 -20.45 25.78 4.41
CA SER A 94 -19.48 26.40 3.55
C SER A 94 -19.97 26.51 2.14
N ARG A 95 -21.28 26.53 1.98
CA ARG A 95 -21.88 26.62 0.69
C ARG A 95 -21.39 27.90 -0.01
N GLU A 96 -21.06 27.79 -1.29
CA GLU A 96 -20.60 28.97 -2.04
C GLU A 96 -21.70 30.01 -2.20
N ARG A 97 -21.30 31.26 -2.41
CA ARG A 97 -22.26 32.34 -2.59
C ARG A 97 -22.10 32.92 -4.01
N ALA A 98 -23.20 33.33 -4.62
CA ALA A 98 -23.10 33.94 -5.91
C ALA A 98 -22.38 35.31 -5.73
N PRO A 99 -21.57 35.73 -6.70
CA PRO A 99 -20.90 37.03 -6.55
C PRO A 99 -21.93 38.17 -6.58
N ALA A 100 -21.51 39.37 -6.18
CA ALA A 100 -22.39 40.54 -6.16
C ALA A 100 -22.91 40.84 -7.57
N GLY A 101 -22.11 40.53 -8.59
CA GLY A 101 -22.53 40.83 -9.96
C GLY A 101 -23.43 39.83 -10.65
N ALA A 102 -23.79 38.77 -9.93
CA ALA A 102 -24.67 37.77 -10.50
C ALA A 102 -26.08 38.36 -10.55
N THR A 103 -26.92 37.84 -11.44
CA THR A 103 -28.27 38.32 -11.61
C THR A 103 -29.25 37.16 -11.83
N PRO A 104 -30.54 37.33 -11.45
CA PRO A 104 -31.55 36.28 -11.61
C PRO A 104 -31.59 35.60 -12.97
N ASP A 105 -31.35 36.32 -14.07
CA ASP A 105 -31.44 35.61 -15.33
C ASP A 105 -30.13 35.40 -16.01
N MET A 106 -29.08 35.33 -15.20
CA MET A 106 -27.77 35.12 -15.79
C MET A 106 -27.61 33.81 -16.53
N PHE A 107 -28.48 32.84 -16.32
CA PHE A 107 -28.32 31.56 -17.02
C PHE A 107 -29.34 31.45 -18.17
N LEU A 108 -29.91 32.59 -18.57
CA LEU A 108 -30.89 32.57 -19.66
C LEU A 108 -30.23 33.18 -20.88
N ASP A 109 -30.65 32.76 -22.08
CA ASP A 109 -30.04 33.37 -23.26
C ASP A 109 -30.75 34.69 -23.61
N GLU A 110 -30.37 35.30 -24.74
CA GLU A 110 -30.96 36.55 -25.15
C GLU A 110 -32.45 36.42 -25.45
N ASN A 111 -32.89 35.20 -25.71
CA ASN A 111 -34.29 35.00 -25.96
C ASN A 111 -35.05 34.62 -24.66
N GLY A 112 -34.38 34.57 -23.53
CA GLY A 112 -35.10 34.20 -22.31
C GLY A 112 -35.17 32.70 -22.07
N LYS A 113 -34.47 31.93 -22.89
CA LYS A 113 -34.47 30.47 -22.70
C LYS A 113 -33.18 30.07 -21.92
N ALA A 114 -33.28 29.03 -21.11
CA ALA A 114 -32.12 28.64 -20.33
C ALA A 114 -30.99 28.17 -21.20
N ILE A 115 -29.75 28.51 -20.81
CA ILE A 115 -28.56 28.06 -21.52
C ILE A 115 -28.48 26.52 -21.28
N PRO A 116 -28.30 25.71 -22.34
CA PRO A 116 -28.23 24.27 -22.18
C PRO A 116 -27.32 23.97 -20.99
N PHE A 117 -27.76 23.04 -20.15
CA PHE A 117 -27.02 22.69 -18.93
C PHE A 117 -25.53 22.34 -19.12
N SER A 118 -25.21 21.40 -20.01
CA SER A 118 -23.81 20.99 -20.18
C SER A 118 -22.90 22.16 -20.55
N GLU A 119 -23.50 23.14 -21.17
CA GLU A 119 -22.81 24.31 -21.58
C GLU A 119 -22.75 25.31 -20.42
N ARG A 120 -23.86 25.38 -19.68
CA ARG A 120 -24.02 26.29 -18.53
C ARG A 120 -22.98 25.99 -17.46
N VAL A 121 -22.69 24.71 -17.33
CA VAL A 121 -21.75 24.23 -16.35
C VAL A 121 -20.31 24.70 -16.52
N THR A 122 -19.91 25.05 -17.75
CA THR A 122 -18.56 25.47 -18.02
C THR A 122 -18.32 26.98 -17.98
N LYS A 123 -19.38 27.77 -17.77
CA LYS A 123 -19.29 29.24 -17.74
C LYS A 123 -18.78 29.88 -16.45
N GLY A 124 -18.16 31.05 -16.60
CA GLY A 124 -17.63 31.76 -15.44
C GLY A 124 -18.72 32.16 -14.49
N THR A 125 -19.89 32.44 -15.05
CA THR A 125 -21.06 32.81 -14.27
C THR A 125 -21.48 31.68 -13.31
N ALA A 126 -20.99 30.46 -13.54
CA ALA A 126 -21.35 29.32 -12.68
C ALA A 126 -20.50 29.17 -11.43
N VAL A 127 -19.42 29.92 -11.35
CA VAL A 127 -18.52 29.81 -10.19
C VAL A 127 -18.99 30.53 -8.94
N GLY A 128 -19.22 29.77 -7.89
CA GLY A 128 -19.61 30.35 -6.62
C GLY A 128 -18.37 30.78 -5.83
N VAL A 129 -18.51 31.73 -4.91
CA VAL A 129 -17.38 32.15 -4.10
C VAL A 129 -17.05 30.95 -3.20
N PRO A 130 -15.86 30.31 -3.38
CA PRO A 130 -15.48 29.13 -2.57
C PRO A 130 -15.52 29.28 -1.10
N GLY A 131 -16.07 28.30 -0.40
CA GLY A 131 -16.10 28.42 1.06
C GLY A 131 -15.34 27.34 1.82
N THR A 132 -14.99 26.23 1.16
CA THR A 132 -14.32 25.12 1.85
C THR A 132 -13.16 25.50 2.75
N LEU A 133 -12.21 26.27 2.24
CA LEU A 133 -11.05 26.62 3.06
C LEU A 133 -11.45 27.37 4.30
N LYS A 134 -12.36 28.32 4.14
CA LYS A 134 -12.90 29.10 5.26
C LYS A 134 -13.58 28.20 6.28
N GLY A 135 -14.29 27.16 5.81
CA GLY A 135 -14.97 26.29 6.73
C GLY A 135 -13.97 25.46 7.49
N LEU A 136 -12.86 25.04 6.84
CA LEU A 136 -11.84 24.23 7.58
C LEU A 136 -11.23 25.14 8.68
N GLU A 137 -10.95 26.37 8.31
CA GLU A 137 -10.37 27.35 9.24
C GLU A 137 -11.27 27.46 10.44
N GLU A 138 -12.55 27.72 10.19
CA GLU A 138 -13.54 27.82 11.28
C GLU A 138 -13.54 26.59 12.18
N ALA A 139 -13.56 25.40 11.58
CA ALA A 139 -13.57 24.15 12.33
C ALA A 139 -12.37 24.03 13.24
N LEU A 140 -11.16 24.29 12.72
CA LEU A 140 -9.96 24.17 13.55
C LEU A 140 -10.00 25.14 14.69
N ASP A 141 -10.48 26.34 14.39
CA ASP A 141 -10.64 27.41 15.39
C ASP A 141 -11.52 27.01 16.56
N LYS A 142 -12.65 26.35 16.26
CA LYS A 142 -13.58 25.90 17.27
C LYS A 142 -13.19 24.64 18.03
N TRP A 143 -12.66 23.64 17.31
CA TRP A 143 -12.35 22.32 17.93
C TRP A 143 -10.96 21.74 17.67
N GLY A 144 -10.17 22.40 16.83
CA GLY A 144 -8.87 21.86 16.49
C GLY A 144 -7.87 21.64 17.62
N THR A 145 -7.00 20.66 17.44
CA THR A 145 -5.95 20.38 18.42
C THR A 145 -4.65 20.25 17.64
N ARG A 146 -4.73 20.32 16.30
CA ARG A 146 -3.53 20.24 15.44
C ARG A 146 -3.60 21.47 14.57
N SER A 147 -2.47 22.03 14.14
CA SER A 147 -2.51 23.25 13.32
C SER A 147 -2.82 22.94 11.88
N MET A 148 -3.34 23.92 11.16
CA MET A 148 -3.58 23.71 9.73
C MET A 148 -2.24 23.32 9.11
N LYS A 149 -1.16 23.87 9.65
CA LYS A 149 0.19 23.55 9.15
C LYS A 149 0.50 22.04 9.24
N GLN A 150 0.21 21.44 10.38
CA GLN A 150 0.45 20.02 10.56
C GLN A 150 -0.49 19.19 9.69
N LEU A 151 -1.75 19.57 9.66
CA LEU A 151 -2.78 18.82 8.93
C LEU A 151 -2.73 18.88 7.42
N ILE A 152 -2.29 19.98 6.87
CA ILE A 152 -2.23 20.11 5.40
C ILE A 152 -0.96 19.53 4.81
N THR A 153 0.08 19.42 5.63
CA THR A 153 1.37 18.96 5.08
C THR A 153 1.37 17.61 4.33
N PRO A 154 0.66 16.60 4.85
CA PRO A 154 0.66 15.32 4.13
C PRO A 154 0.07 15.47 2.72
N SER A 155 -0.88 16.39 2.53
CA SER A 155 -1.47 16.58 1.21
C SER A 155 -0.57 17.42 0.33
N ILE A 156 0.29 18.24 0.94
CA ILE A 156 1.24 19.01 0.11
C ILE A 156 2.15 17.92 -0.55
N LYS A 157 2.56 16.94 0.24
CA LYS A 157 3.37 15.88 -0.32
C LYS A 157 2.67 15.12 -1.44
N LEU A 158 1.38 14.76 -1.29
CA LEU A 158 0.69 14.01 -2.37
C LEU A 158 0.58 14.81 -3.64
N ALA A 159 0.37 16.13 -3.50
CA ALA A 159 0.26 17.02 -4.64
C ALA A 159 1.63 17.22 -5.34
N GLU A 160 2.62 17.52 -4.52
CA GLU A 160 3.98 17.81 -4.99
C GLU A 160 4.65 16.58 -5.58
N LYS A 161 4.67 15.48 -4.83
CA LYS A 161 5.33 14.28 -5.31
C LYS A 161 4.41 13.28 -6.02
N GLY A 162 3.12 13.59 -6.06
CA GLY A 162 2.15 12.73 -6.70
C GLY A 162 1.72 11.42 -6.06
N PHE A 163 0.83 10.76 -6.78
CA PHE A 163 0.29 9.44 -6.41
C PHE A 163 -0.23 8.77 -7.71
N PRO A 164 -0.31 7.43 -7.74
CA PRO A 164 -0.79 6.77 -8.97
C PRO A 164 -2.32 6.87 -9.12
N ILE A 165 -2.82 7.18 -10.32
CA ILE A 165 -4.27 7.28 -10.45
C ILE A 165 -4.82 5.92 -10.85
N ASP A 166 -5.97 5.63 -10.28
CA ASP A 166 -6.72 4.39 -10.51
C ASP A 166 -7.56 4.46 -11.79
N SER A 167 -8.39 3.43 -11.96
CA SER A 167 -9.30 3.32 -13.08
C SER A 167 -10.31 4.46 -13.03
N VAL A 168 -10.90 4.65 -11.87
CA VAL A 168 -11.92 5.69 -11.70
C VAL A 168 -11.52 7.10 -12.10
N LEU A 169 -10.41 7.58 -11.56
CA LEU A 169 -9.95 8.93 -11.85
C LEU A 169 -9.58 8.99 -13.32
N ALA A 170 -9.02 7.90 -13.85
CA ALA A 170 -8.63 7.87 -15.25
C ALA A 170 -9.90 8.05 -16.11
N GLU A 171 -10.99 7.40 -15.70
CA GLU A 171 -12.28 7.49 -16.41
C GLU A 171 -12.79 8.91 -16.35
N ALA A 172 -12.88 9.47 -15.14
CA ALA A 172 -13.36 10.83 -15.03
C ALA A 172 -12.56 11.71 -15.98
N ILE A 173 -11.23 11.59 -15.97
CA ILE A 173 -10.39 12.43 -16.83
C ILE A 173 -10.77 12.30 -18.29
N SER A 174 -10.90 11.07 -18.78
CA SER A 174 -11.27 10.90 -20.18
C SER A 174 -12.70 11.39 -20.47
N ASP A 175 -13.61 11.05 -19.57
CA ASP A 175 -15.01 11.46 -19.70
C ASP A 175 -15.15 12.98 -19.78
N TYR A 176 -14.35 13.71 -19.01
CA TYR A 176 -14.42 15.17 -19.00
C TYR A 176 -13.31 15.92 -19.71
N GLN A 177 -12.63 15.23 -20.59
CA GLN A 177 -11.52 15.75 -21.36
C GLN A 177 -11.85 17.06 -22.07
N GLU A 178 -13.03 17.12 -22.66
CA GLU A 178 -13.44 18.30 -23.39
C GLU A 178 -13.44 19.60 -22.58
N LYS A 179 -14.03 19.58 -21.38
CA LYS A 179 -14.07 20.80 -20.59
C LYS A 179 -12.72 21.08 -19.95
N LEU A 180 -11.96 20.03 -19.69
CA LEU A 180 -10.65 20.17 -19.07
C LEU A 180 -9.70 20.76 -20.10
N SER A 181 -9.82 20.28 -21.34
CA SER A 181 -8.98 20.72 -22.46
C SER A 181 -9.14 22.21 -22.80
N ARG A 182 -10.08 22.89 -22.15
CA ARG A 182 -10.36 24.31 -22.42
C ARG A 182 -9.81 25.31 -21.41
N THR A 183 -9.20 24.79 -20.36
CA THR A 183 -8.70 25.69 -19.35
C THR A 183 -7.29 25.26 -19.02
N ALA A 184 -6.71 25.96 -18.06
CA ALA A 184 -5.37 25.62 -17.62
C ALA A 184 -5.40 24.20 -17.05
N ALA A 185 -6.59 23.69 -16.75
CA ALA A 185 -6.65 22.36 -16.18
C ALA A 185 -6.00 21.34 -17.08
N LYS A 186 -5.89 21.60 -18.38
CA LYS A 186 -5.33 20.58 -19.27
C LYS A 186 -3.84 20.32 -19.04
N ASP A 187 -3.14 21.26 -18.43
CA ASP A 187 -1.71 21.06 -18.17
C ASP A 187 -1.47 20.03 -17.05
N VAL A 188 -2.48 19.79 -16.25
CA VAL A 188 -2.34 18.84 -15.17
C VAL A 188 -2.97 17.50 -15.54
N PHE A 189 -4.16 17.52 -16.13
CA PHE A 189 -4.84 16.26 -16.42
C PHE A 189 -4.68 15.74 -17.83
N LEU A 190 -4.38 16.64 -18.76
CA LEU A 190 -4.22 16.23 -20.14
C LEU A 190 -2.78 16.58 -20.50
N PRO A 191 -1.81 15.98 -19.76
CA PRO A 191 -0.37 16.15 -19.90
C PRO A 191 -0.06 16.77 -21.23
N ASN A 192 0.22 15.97 -22.24
CA ASN A 192 0.50 16.63 -23.48
C ASN A 192 -0.87 16.91 -24.10
N GLY A 193 -1.52 15.91 -24.64
CA GLY A 193 -2.85 16.18 -25.19
C GLY A 193 -3.68 14.99 -24.79
N GLU A 194 -3.02 14.11 -24.06
CA GLU A 194 -3.63 12.89 -23.63
C GLU A 194 -4.00 12.86 -22.18
N PRO A 195 -5.13 12.24 -21.87
CA PRO A 195 -5.63 12.09 -20.51
C PRO A 195 -4.72 11.10 -19.80
N LEU A 196 -4.35 11.38 -18.56
CA LEU A 196 -3.51 10.45 -17.82
C LEU A 196 -4.28 9.14 -17.73
N LYS A 197 -3.59 8.01 -17.81
CA LYS A 197 -4.28 6.73 -17.73
C LYS A 197 -4.13 6.11 -16.36
N GLU A 198 -4.87 5.04 -16.12
CA GLU A 198 -4.76 4.35 -14.85
C GLU A 198 -3.27 4.02 -14.71
N GLY A 199 -2.77 4.04 -13.48
CA GLY A 199 -1.35 3.77 -13.28
C GLY A 199 -0.46 5.00 -13.34
N ASP A 200 -0.74 5.96 -14.21
CA ASP A 200 0.11 7.13 -14.25
C ASP A 200 0.09 7.92 -12.93
N THR A 201 1.17 8.64 -12.70
CA THR A 201 1.34 9.44 -11.51
C THR A 201 0.72 10.80 -11.78
N LEU A 202 -0.15 11.23 -10.88
CA LEU A 202 -0.76 12.55 -11.03
C LEU A 202 0.03 13.48 -10.12
N ILE A 203 0.62 14.52 -10.69
CA ILE A 203 1.38 15.49 -9.90
C ILE A 203 0.68 16.82 -9.99
N GLN A 204 0.52 17.51 -8.89
CA GLN A 204 -0.19 18.78 -8.92
C GLN A 204 0.68 19.82 -8.25
N LYS A 205 1.72 20.21 -8.98
CA LYS A 205 2.70 21.18 -8.47
C LYS A 205 2.16 22.54 -8.09
N ASP A 206 1.25 23.08 -8.91
CA ASP A 206 0.69 24.40 -8.59
C ASP A 206 -0.17 24.27 -7.36
N LEU A 207 -0.92 23.17 -7.27
CA LEU A 207 -1.78 23.01 -6.11
C LEU A 207 -0.90 22.86 -4.85
N ALA A 208 0.23 22.18 -4.98
CA ALA A 208 1.12 22.04 -3.83
C ALA A 208 1.60 23.44 -3.41
N LYS A 209 1.85 24.30 -4.39
CA LYS A 209 2.31 25.66 -4.10
C LYS A 209 1.25 26.42 -3.32
N THR A 210 0.01 26.30 -3.79
CA THR A 210 -1.10 26.93 -3.13
C THR A 210 -1.23 26.44 -1.70
N PHE A 211 -1.17 25.12 -1.51
CA PHE A 211 -1.25 24.56 -0.16
C PHE A 211 -0.15 25.08 0.73
N LYS A 212 1.08 25.14 0.21
CA LYS A 212 2.19 25.69 1.01
C LYS A 212 1.89 27.15 1.37
N LEU A 213 1.24 27.90 0.47
CA LEU A 213 0.91 29.29 0.78
C LEU A 213 -0.12 29.31 1.91
N ILE A 214 -1.10 28.40 1.84
CA ILE A 214 -2.10 28.34 2.90
C ILE A 214 -1.40 27.93 4.20
N ARG A 215 -0.47 26.98 4.13
CA ARG A 215 0.23 26.53 5.36
C ARG A 215 0.96 27.70 6.06
N SER A 216 1.64 28.57 5.31
CA SER A 216 2.33 29.65 5.98
C SER A 216 1.52 30.90 6.18
N LYS A 217 0.68 31.25 5.22
CA LYS A 217 -0.11 32.47 5.29
C LYS A 217 -1.51 32.36 5.91
N GLY A 218 -2.12 31.18 5.85
CA GLY A 218 -3.46 31.05 6.41
C GLY A 218 -4.46 31.26 5.28
N THR A 219 -5.74 31.28 5.59
CA THR A 219 -6.73 31.42 4.54
C THR A 219 -6.63 32.75 3.81
N ASP A 220 -5.90 33.70 4.38
CA ASP A 220 -5.76 34.99 3.69
C ASP A 220 -5.08 34.74 2.36
N ALA A 221 -4.26 33.70 2.31
CA ALA A 221 -3.56 33.31 1.09
C ALA A 221 -4.59 33.07 -0.01
N PHE A 222 -5.80 32.71 0.38
CA PHE A 222 -6.86 32.40 -0.60
C PHE A 222 -7.87 33.55 -0.83
N TYR A 223 -8.37 34.11 0.25
CA TYR A 223 -9.38 35.15 0.13
C TYR A 223 -8.89 36.59 -0.08
N LYS A 224 -7.59 36.77 -0.13
CA LYS A 224 -7.04 38.10 -0.37
C LYS A 224 -5.73 37.93 -1.10
N GLY A 225 -5.11 39.04 -1.46
CA GLY A 225 -3.85 38.93 -2.14
C GLY A 225 -3.93 38.50 -3.56
N LYS A 226 -2.80 37.95 -3.99
CA LYS A 226 -2.59 37.52 -5.37
C LYS A 226 -3.41 36.37 -5.85
N PHE A 227 -3.62 35.40 -4.98
CA PHE A 227 -4.41 34.27 -5.39
C PHE A 227 -5.82 34.76 -5.66
N ALA A 228 -6.30 35.64 -4.77
CA ALA A 228 -7.63 36.16 -4.89
C ALA A 228 -7.80 36.86 -6.23
N LYS A 229 -6.82 37.67 -6.58
CA LYS A 229 -6.87 38.40 -7.82
C LYS A 229 -6.81 37.53 -9.04
N THR A 230 -6.00 36.47 -9.04
CA THR A 230 -5.94 35.58 -10.21
C THR A 230 -7.26 34.80 -10.42
N LEU A 231 -7.81 34.28 -9.33
CA LEU A 231 -9.06 33.53 -9.39
C LEU A 231 -10.17 34.47 -9.90
N SER A 232 -10.29 35.63 -9.26
CA SER A 232 -11.28 36.63 -9.64
C SER A 232 -11.11 36.98 -11.10
N ASP A 233 -9.87 37.23 -11.51
CA ASP A 233 -9.58 37.55 -12.91
C ASP A 233 -9.95 36.43 -13.85
N THR A 234 -9.70 35.19 -13.43
CA THR A 234 -10.00 34.04 -14.29
C THR A 234 -11.51 33.85 -14.44
N VAL A 235 -12.23 33.95 -13.34
CA VAL A 235 -13.68 33.82 -13.41
C VAL A 235 -14.16 34.88 -14.43
N GLN A 236 -13.59 36.08 -14.38
CA GLN A 236 -13.99 37.13 -15.31
C GLN A 236 -13.68 36.78 -16.77
N ASP A 237 -12.50 36.19 -16.97
CA ASP A 237 -12.03 35.74 -18.28
C ASP A 237 -12.97 34.71 -18.89
N PHE A 238 -13.64 33.93 -18.04
CA PHE A 238 -14.59 32.92 -18.54
C PHE A 238 -16.04 33.41 -18.51
N GLY A 239 -16.20 34.71 -18.27
CA GLY A 239 -17.53 35.29 -18.31
C GLY A 239 -18.23 35.61 -17.01
N GLY A 240 -17.69 35.22 -15.87
CA GLY A 240 -18.40 35.54 -14.63
C GLY A 240 -18.09 36.90 -14.07
N SER A 241 -18.86 37.35 -13.09
CA SER A 241 -18.61 38.67 -12.49
C SER A 241 -17.84 38.70 -11.13
N MET A 242 -17.27 37.57 -10.70
CA MET A 242 -16.56 37.56 -9.41
C MET A 242 -15.37 38.54 -9.30
N THR A 243 -15.35 39.30 -8.20
CA THR A 243 -14.33 40.29 -7.92
C THR A 243 -13.57 39.92 -6.67
N GLU A 244 -12.52 40.68 -6.39
CA GLU A 244 -11.76 40.41 -5.20
C GLU A 244 -12.60 40.72 -3.98
N LYS A 245 -13.48 41.73 -4.08
CA LYS A 245 -14.29 42.07 -2.92
C LYS A 245 -15.24 40.91 -2.57
N ASP A 246 -15.72 40.19 -3.58
CA ASP A 246 -16.62 39.06 -3.30
C ASP A 246 -15.91 38.06 -2.40
N LEU A 247 -14.63 37.81 -2.67
CA LEU A 247 -13.84 36.88 -1.87
C LEU A 247 -13.56 37.47 -0.52
N GLU A 248 -13.33 38.77 -0.50
CA GLU A 248 -13.06 39.42 0.78
C GLU A 248 -14.32 39.39 1.68
N ASN A 249 -15.46 39.47 1.06
CA ASN A 249 -16.74 39.43 1.79
C ASN A 249 -17.13 38.03 2.33
N TYR A 250 -16.63 36.96 1.70
CA TYR A 250 -17.06 35.64 2.14
C TYR A 250 -16.77 35.23 3.56
N ASP A 251 -17.78 34.62 4.16
CA ASP A 251 -17.70 34.07 5.53
C ASP A 251 -18.59 32.84 5.51
N ILE A 252 -18.22 31.77 6.21
CA ILE A 252 -19.12 30.63 6.25
C ILE A 252 -20.33 31.02 7.13
N THR A 253 -21.22 30.08 7.32
CA THR A 253 -22.38 30.32 8.16
C THR A 253 -22.44 29.18 9.23
N ILE A 254 -22.90 29.45 10.45
CA ILE A 254 -22.98 28.35 11.42
C ILE A 254 -24.46 28.07 11.56
N ASP A 255 -24.88 26.93 11.02
CA ASP A 255 -26.25 26.53 11.07
C ASP A 255 -26.59 25.53 12.21
N GLU A 256 -27.81 25.61 12.72
CA GLU A 256 -28.29 24.68 13.72
C GLU A 256 -28.91 23.52 12.92
N PRO A 257 -28.68 22.27 13.37
CA PRO A 257 -29.27 21.14 12.65
C PRO A 257 -30.78 21.14 12.75
N ILE A 258 -31.45 20.51 11.80
CA ILE A 258 -32.91 20.38 11.95
C ILE A 258 -32.99 19.01 12.60
N TRP A 259 -33.80 18.90 13.64
CA TRP A 259 -33.95 17.64 14.36
C TRP A 259 -35.30 16.98 14.11
N GLY A 260 -35.30 15.66 14.13
CA GLY A 260 -36.56 14.96 14.00
C GLY A 260 -36.53 13.69 14.84
N ASP A 261 -37.65 13.34 15.48
CA ASP A 261 -37.72 12.06 16.22
C ASP A 261 -38.06 10.99 15.19
N TYR A 262 -37.48 9.80 15.34
CA TYR A 262 -37.69 8.72 14.39
C TYR A 262 -37.34 7.39 15.03
N GLN A 263 -38.34 6.51 15.15
CA GLN A 263 -38.17 5.18 15.74
C GLN A 263 -37.41 5.12 17.05
N GLY A 264 -37.53 6.15 17.87
CA GLY A 264 -36.84 6.13 19.14
C GLY A 264 -35.50 6.81 19.08
N TYR A 265 -35.07 7.18 17.86
CA TYR A 265 -33.79 7.86 17.67
C TYR A 265 -34.07 9.32 17.45
N GLN A 266 -33.06 10.16 17.57
CA GLN A 266 -33.26 11.57 17.22
C GLN A 266 -32.30 11.79 16.04
N ILE A 267 -32.78 12.46 14.99
CA ILE A 267 -32.00 12.70 13.77
C ILE A 267 -31.64 14.17 13.74
N ALA A 268 -30.36 14.46 13.55
CA ALA A 268 -29.82 15.82 13.39
C ALA A 268 -29.41 15.85 11.94
N THR A 269 -30.05 16.67 11.14
CA THR A 269 -29.73 16.69 9.73
C THR A 269 -29.63 18.11 9.20
N THR A 270 -29.36 18.26 7.91
CA THR A 270 -29.09 19.57 7.34
C THR A 270 -30.24 20.51 6.98
N PRO A 271 -30.22 21.74 7.51
CA PRO A 271 -31.33 22.64 7.18
C PRO A 271 -31.04 23.44 5.92
N PRO A 272 -32.04 24.19 5.42
CA PRO A 272 -31.77 24.99 4.21
C PRO A 272 -30.53 25.86 4.57
N PRO A 273 -29.72 26.29 3.60
CA PRO A 273 -29.71 26.15 2.15
C PRO A 273 -29.66 24.75 1.62
N SER A 274 -29.68 23.73 2.45
CA SER A 274 -29.77 22.39 1.85
C SER A 274 -31.22 21.98 1.89
N SER A 275 -31.62 21.17 0.92
CA SER A 275 -32.98 20.62 0.87
C SER A 275 -32.92 19.23 1.52
N GLY A 276 -31.70 18.75 1.73
CA GLY A 276 -31.56 17.41 2.28
C GLY A 276 -32.24 17.05 3.58
N GLY A 277 -32.03 17.86 4.59
CA GLY A 277 -32.53 17.49 5.91
C GLY A 277 -34.05 17.51 6.01
N ILE A 278 -34.65 18.57 5.49
CA ILE A 278 -36.10 18.66 5.55
C ILE A 278 -36.75 17.50 4.84
N PHE A 279 -36.28 17.19 3.63
CA PHE A 279 -36.95 16.12 2.92
C PHE A 279 -36.59 14.71 3.32
N LEU A 280 -35.45 14.54 4.00
CA LEU A 280 -35.16 13.21 4.53
C LEU A 280 -36.19 13.02 5.63
N LEU A 281 -36.40 14.05 6.45
CA LEU A 281 -37.33 13.89 7.57
C LEU A 281 -38.78 13.71 7.02
N GLN A 282 -39.15 14.54 6.04
CA GLN A 282 -40.50 14.42 5.49
C GLN A 282 -40.77 13.06 4.89
N MET A 283 -39.80 12.49 4.17
CA MET A 283 -40.06 11.18 3.57
C MET A 283 -40.20 10.10 4.66
N LEU A 284 -39.39 10.17 5.71
CA LEU A 284 -39.52 9.21 6.81
C LEU A 284 -40.94 9.32 7.48
N LYS A 285 -41.38 10.54 7.78
CA LYS A 285 -42.71 10.71 8.37
C LYS A 285 -43.81 10.23 7.46
N ILE A 286 -43.66 10.45 6.14
CA ILE A 286 -44.69 10.01 5.21
C ILE A 286 -44.74 8.49 5.20
N LEU A 287 -43.58 7.86 5.13
CA LEU A 287 -43.52 6.41 5.06
C LEU A 287 -43.99 5.66 6.32
N ASP A 288 -43.95 6.34 7.45
CA ASP A 288 -44.37 5.76 8.73
C ASP A 288 -45.80 5.14 8.71
N HIS A 289 -46.68 5.75 7.95
CA HIS A 289 -48.06 5.33 7.87
C HIS A 289 -48.18 3.98 7.20
N PHE A 290 -47.18 3.63 6.40
CA PHE A 290 -47.21 2.38 5.63
C PHE A 290 -46.31 1.30 6.24
N ASN A 291 -45.56 1.64 7.29
CA ASN A 291 -44.68 0.66 7.99
C ASN A 291 -44.00 -0.31 7.00
N LEU A 292 -43.01 0.17 6.26
CA LEU A 292 -42.36 -0.69 5.24
C LEU A 292 -41.94 -2.10 5.62
N SER A 293 -41.39 -2.29 6.80
CA SER A 293 -40.91 -3.62 7.16
C SER A 293 -41.96 -4.74 7.28
N GLN A 294 -43.25 -4.40 7.18
CA GLN A 294 -44.28 -5.43 7.12
C GLN A 294 -44.13 -6.06 5.73
N TYR A 295 -43.39 -5.44 4.81
CA TYR A 295 -43.15 -6.02 3.45
C TYR A 295 -41.68 -6.42 3.32
N ASP A 296 -41.44 -7.46 2.52
CA ASP A 296 -40.08 -8.00 2.31
C ASP A 296 -39.30 -6.88 1.67
N VAL A 297 -38.03 -6.79 2.05
CA VAL A 297 -37.16 -5.71 1.55
C VAL A 297 -37.08 -5.57 0.01
N ARG A 298 -37.27 -6.64 -0.76
CA ARG A 298 -37.24 -6.46 -2.21
C ARG A 298 -38.62 -6.64 -2.84
N SER A 299 -39.67 -6.41 -2.05
CA SER A 299 -41.06 -6.58 -2.54
C SER A 299 -41.45 -5.43 -3.43
N TRP A 300 -42.36 -5.64 -4.40
CA TRP A 300 -42.72 -4.47 -5.23
C TRP A 300 -43.42 -3.45 -4.32
N GLU A 301 -44.09 -3.93 -3.29
CA GLU A 301 -44.79 -2.97 -2.39
C GLU A 301 -43.85 -1.94 -1.80
N LYS A 302 -42.71 -2.41 -1.32
CA LYS A 302 -41.78 -1.47 -0.67
C LYS A 302 -41.33 -0.47 -1.70
N TYR A 303 -40.93 -0.94 -2.89
CA TYR A 303 -40.47 0.04 -3.90
C TYR A 303 -41.57 0.97 -4.36
N GLN A 304 -42.78 0.43 -4.48
CA GLN A 304 -43.90 1.26 -4.93
C GLN A 304 -44.08 2.44 -3.95
N LEU A 305 -44.09 2.14 -2.67
CA LEU A 305 -44.26 3.18 -1.66
C LEU A 305 -43.13 4.21 -1.59
N LEU A 306 -41.89 3.75 -1.76
CA LEU A 306 -40.74 4.69 -1.75
C LEU A 306 -40.90 5.61 -2.99
N ALA A 307 -41.25 5.03 -4.11
CA ALA A 307 -41.40 5.84 -5.34
C ALA A 307 -42.45 6.95 -5.24
N GLU A 308 -43.65 6.57 -4.77
CA GLU A 308 -44.75 7.54 -4.61
C GLU A 308 -44.38 8.58 -3.53
N THR A 309 -43.68 8.16 -2.47
CA THR A 309 -43.29 9.12 -1.44
C THR A 309 -42.25 10.09 -2.03
N MET A 310 -41.26 9.57 -2.74
CA MET A 310 -40.25 10.46 -3.34
C MET A 310 -40.91 11.47 -4.29
N HIS A 311 -41.93 11.01 -5.00
CA HIS A 311 -42.56 11.94 -5.97
C HIS A 311 -43.17 13.14 -5.25
N LEU A 312 -43.83 12.92 -4.11
CA LEU A 312 -44.42 14.04 -3.34
C LEU A 312 -43.36 14.98 -2.73
N SER A 313 -42.37 14.42 -2.01
CA SER A 313 -41.35 15.18 -1.39
C SER A 313 -40.49 15.94 -2.38
N TYR A 314 -40.05 15.32 -3.48
CA TYR A 314 -39.27 16.10 -4.47
C TYR A 314 -40.12 17.25 -5.11
N ALA A 315 -41.45 17.06 -5.20
CA ALA A 315 -42.31 18.14 -5.73
C ALA A 315 -42.30 19.30 -4.72
N ASP A 316 -42.39 18.97 -3.43
CA ASP A 316 -42.37 20.01 -2.42
C ASP A 316 -40.99 20.70 -2.44
N ARG A 317 -39.95 19.92 -2.66
CA ARG A 317 -38.61 20.50 -2.67
C ARG A 317 -38.48 21.55 -3.81
N ALA A 318 -39.03 21.20 -4.95
CA ALA A 318 -38.90 22.05 -6.08
C ALA A 318 -39.71 23.35 -5.96
N SER A 319 -40.75 23.35 -5.13
CA SER A 319 -41.61 24.53 -4.91
C SER A 319 -41.20 25.43 -3.72
N TYR A 320 -40.63 24.85 -2.66
CA TYR A 320 -40.40 25.59 -1.44
C TYR A 320 -38.98 25.70 -0.85
N ALA A 321 -38.02 25.03 -1.44
CA ALA A 321 -36.66 25.05 -0.93
C ALA A 321 -35.72 26.10 -1.57
N GLY A 322 -35.05 26.87 -0.74
CA GLY A 322 -34.11 27.90 -1.18
C GLY A 322 -33.25 28.41 -0.04
N ASP A 323 -32.36 29.36 -0.30
CA ASP A 323 -31.51 29.87 0.75
C ASP A 323 -32.44 30.66 1.70
N PRO A 324 -32.44 30.29 3.00
CA PRO A 324 -33.29 30.95 4.01
C PRO A 324 -32.94 32.41 4.32
N GLU A 325 -31.77 32.88 3.92
CA GLU A 325 -31.45 34.32 4.15
C GLU A 325 -32.24 35.16 3.15
N PHE A 326 -32.65 34.52 2.06
CA PHE A 326 -33.41 35.17 0.99
C PHE A 326 -34.87 34.82 0.82
N VAL A 327 -35.24 33.57 1.08
CA VAL A 327 -36.65 33.17 0.91
C VAL A 327 -37.17 32.48 2.16
N ASN A 328 -38.49 32.48 2.30
CA ASN A 328 -39.21 31.90 3.43
C ASN A 328 -39.48 30.44 3.04
N VAL A 329 -38.82 29.50 3.71
CA VAL A 329 -38.97 28.06 3.43
C VAL A 329 -39.92 27.62 4.54
N PRO A 330 -41.09 27.06 4.16
CA PRO A 330 -42.07 26.63 5.16
C PRO A 330 -41.70 25.32 5.90
N LEU A 331 -40.57 25.38 6.58
CA LEU A 331 -40.10 24.22 7.30
C LEU A 331 -41.06 23.65 8.33
N LYS A 332 -41.73 24.48 9.13
CA LYS A 332 -42.63 23.93 10.12
C LYS A 332 -43.82 23.27 9.42
N GLY A 333 -44.25 23.88 8.32
CA GLY A 333 -45.42 23.34 7.63
C GLY A 333 -45.16 22.04 6.92
N LEU A 334 -43.98 21.93 6.30
CA LEU A 334 -43.63 20.74 5.51
C LEU A 334 -43.49 19.50 6.39
N LEU A 335 -43.30 19.71 7.68
CA LEU A 335 -43.15 18.61 8.61
C LEU A 335 -44.28 18.52 9.61
N HIS A 336 -45.29 19.37 9.45
CA HIS A 336 -46.41 19.34 10.39
C HIS A 336 -47.19 18.03 10.28
N PRO A 337 -47.51 17.38 11.41
CA PRO A 337 -48.22 16.11 11.29
C PRO A 337 -49.48 16.10 10.44
N ASP A 338 -50.24 17.17 10.44
CA ASP A 338 -51.46 17.11 9.60
C ASP A 338 -51.16 17.28 8.13
N TYR A 339 -50.01 17.88 7.86
CA TYR A 339 -49.61 18.08 6.47
C TYR A 339 -49.08 16.72 6.03
N ILE A 340 -48.22 16.11 6.86
CA ILE A 340 -47.72 14.81 6.52
C ILE A 340 -48.88 13.85 6.25
N LYS A 341 -49.95 13.98 7.04
CA LYS A 341 -51.11 13.10 6.90
C LYS A 341 -51.77 13.40 5.54
N GLU A 342 -51.82 14.67 5.17
CA GLU A 342 -52.40 14.96 3.87
C GLU A 342 -51.62 14.24 2.75
N ARG A 343 -50.30 14.20 2.86
CA ARG A 343 -49.51 13.62 1.81
C ARG A 343 -49.61 12.11 1.81
N GLN A 344 -49.62 11.51 3.00
CA GLN A 344 -49.70 10.05 3.11
C GLN A 344 -51.02 9.64 2.47
N GLN A 345 -52.02 10.51 2.62
CA GLN A 345 -53.37 10.29 2.02
C GLN A 345 -53.35 10.09 0.51
N LEU A 346 -52.39 10.76 -0.15
CA LEU A 346 -52.26 10.70 -1.60
C LEU A 346 -51.57 9.46 -2.10
N ILE A 347 -51.00 8.67 -1.21
CA ILE A 347 -50.30 7.47 -1.59
C ILE A 347 -51.16 6.19 -1.52
N ASN A 348 -51.15 5.42 -2.60
CA ASN A 348 -51.91 4.19 -2.69
C ASN A 348 -50.99 3.11 -3.18
N LEU A 349 -51.03 1.99 -2.50
CA LEU A 349 -50.19 0.87 -2.86
C LEU A 349 -50.51 0.36 -4.23
N ASP A 350 -51.78 0.43 -4.60
CA ASP A 350 -52.14 -0.17 -5.85
C ASP A 350 -52.28 0.74 -7.07
N GLN A 351 -51.97 2.02 -6.95
CA GLN A 351 -52.01 2.85 -8.16
C GLN A 351 -50.91 3.87 -8.08
N VAL A 352 -50.56 4.43 -9.22
CA VAL A 352 -49.50 5.46 -9.27
C VAL A 352 -50.14 6.84 -9.43
N ASN A 353 -49.65 7.84 -8.70
CA ASN A 353 -50.21 9.17 -8.89
C ASN A 353 -49.43 9.66 -10.09
N LYS A 354 -50.11 9.89 -11.22
CA LYS A 354 -49.39 10.34 -12.42
C LYS A 354 -49.18 11.83 -12.54
N LYS A 355 -49.74 12.58 -11.60
CA LYS A 355 -49.57 14.00 -11.59
C LYS A 355 -49.24 14.42 -10.17
N PRO A 356 -48.09 13.95 -9.66
CA PRO A 356 -47.70 14.31 -8.30
C PRO A 356 -47.42 15.80 -8.26
N LYS A 357 -47.86 16.46 -7.20
CA LYS A 357 -47.70 17.90 -7.08
C LYS A 357 -47.31 18.31 -5.69
N ALA A 358 -46.73 19.50 -5.54
CA ALA A 358 -46.34 19.96 -4.20
C ALA A 358 -47.66 20.22 -3.47
N GLY A 359 -47.67 20.08 -2.15
CA GLY A 359 -48.91 20.36 -1.40
C GLY A 359 -48.87 21.79 -0.86
N ASP A 360 -49.72 22.13 0.11
CA ASP A 360 -49.70 23.45 0.68
C ASP A 360 -49.31 23.48 2.16
N PRO A 361 -48.01 23.50 2.44
CA PRO A 361 -47.55 23.51 3.82
C PRO A 361 -47.88 24.80 4.56
N TRP A 362 -48.14 25.87 3.81
CA TRP A 362 -48.40 27.18 4.44
C TRP A 362 -49.68 27.19 5.26
N LYS A 363 -50.52 26.20 5.01
CA LYS A 363 -51.78 26.08 5.72
C LYS A 363 -51.50 25.62 7.14
N TYR A 364 -50.29 25.14 7.40
CA TYR A 364 -49.98 24.56 8.69
C TYR A 364 -48.97 25.35 9.47
N GLN A 365 -48.73 26.58 9.02
CA GLN A 365 -47.79 27.44 9.70
C GLN A 365 -48.09 28.89 9.38
N GLU A 366 -47.38 29.80 10.03
CA GLU A 366 -47.66 31.21 9.73
C GLU A 366 -46.95 31.71 8.49
N GLY A 367 -47.48 32.77 7.89
CA GLY A 367 -46.82 33.33 6.73
C GLY A 367 -47.12 32.72 5.38
N SER A 368 -46.42 33.27 4.39
CA SER A 368 -46.60 32.87 3.01
C SER A 368 -45.27 32.95 2.29
N ALA A 369 -45.19 32.29 1.14
CA ALA A 369 -43.97 32.33 0.34
C ALA A 369 -43.71 33.75 -0.16
N ASN A 370 -42.43 34.15 -0.29
CA ASN A 370 -42.09 35.47 -0.82
C ASN A 370 -41.39 35.17 -2.15
N TYR A 371 -42.02 34.30 -2.92
CA TYR A 371 -41.56 33.86 -4.24
C TYR A 371 -42.73 33.14 -4.92
N LYS A 372 -42.62 32.88 -6.21
CA LYS A 372 -43.68 32.20 -6.97
C LYS A 372 -43.31 30.77 -7.30
N GLN A 373 -44.21 30.10 -8.02
CA GLN A 373 -43.96 28.73 -8.46
C GLN A 373 -43.60 28.88 -9.92
N VAL A 374 -42.38 28.51 -10.28
CA VAL A 374 -41.93 28.63 -11.64
C VAL A 374 -41.37 27.31 -12.12
N GLU A 375 -41.97 26.76 -13.16
CA GLU A 375 -41.53 25.51 -13.74
C GLU A 375 -40.12 25.75 -14.28
N GLN A 376 -39.29 24.72 -14.22
CA GLN A 376 -37.93 24.78 -14.70
C GLN A 376 -37.75 23.81 -15.87
N PRO A 377 -36.83 24.08 -16.80
CA PRO A 377 -36.65 23.16 -17.93
C PRO A 377 -35.81 21.94 -17.51
N THR B 1 -18.77 15.51 -5.73
CA THR B 1 -19.24 15.52 -4.32
C THR B 1 -18.70 14.29 -3.67
N THR B 2 -18.43 14.40 -2.38
CA THR B 2 -17.91 13.27 -1.66
C THR B 2 -18.36 13.38 -0.22
N HIS B 3 -18.61 12.24 0.42
CA HIS B 3 -19.00 12.26 1.82
C HIS B 3 -18.03 11.38 2.66
N PHE B 4 -17.60 11.91 3.80
CA PHE B 4 -16.75 11.13 4.70
C PHE B 4 -17.16 11.42 6.11
N THR B 5 -16.71 10.58 7.06
CA THR B 5 -17.10 10.74 8.42
C THR B 5 -15.97 10.23 9.37
N VAL B 6 -15.90 10.81 10.55
CA VAL B 6 -14.86 10.49 11.55
C VAL B 6 -15.43 10.53 12.96
N ALA B 7 -14.98 9.63 13.83
CA ALA B 7 -15.43 9.64 15.21
C ALA B 7 -14.16 9.35 16.03
N ASP B 8 -14.01 10.04 17.16
CA ASP B 8 -12.79 9.90 17.94
C ASP B 8 -13.04 9.37 19.33
N ARG B 9 -11.95 9.12 20.07
CA ARG B 9 -12.00 8.62 21.45
C ARG B 9 -12.84 9.52 22.37
N TRP B 10 -12.88 10.81 22.09
CA TRP B 10 -13.52 11.72 23.01
C TRP B 10 -15.01 11.92 22.83
N GLY B 11 -15.60 11.25 21.84
CA GLY B 11 -17.03 11.45 21.63
C GLY B 11 -17.35 12.37 20.47
N ASN B 12 -16.34 13.04 19.92
CA ASN B 12 -16.67 13.95 18.80
C ASN B 12 -17.04 13.14 17.58
N VAL B 13 -17.98 13.65 16.80
CA VAL B 13 -18.38 12.96 15.59
C VAL B 13 -18.53 13.98 14.43
N VAL B 14 -18.00 13.61 13.26
CA VAL B 14 -18.05 14.45 12.06
C VAL B 14 -18.67 13.69 10.89
N SER B 15 -19.62 14.37 10.20
CA SER B 15 -20.30 13.84 9.02
C SER B 15 -20.18 15.06 8.09
N TYR B 16 -19.45 14.89 7.00
CA TYR B 16 -19.11 15.99 6.13
C TYR B 16 -19.27 15.66 4.63
N THR B 17 -20.16 16.40 3.98
CA THR B 17 -20.35 16.25 2.52
C THR B 17 -19.73 17.54 1.93
N THR B 18 -18.98 17.40 0.85
CA THR B 18 -18.29 18.55 0.29
C THR B 18 -18.29 18.33 -1.21
N THR B 19 -18.25 19.42 -1.98
CA THR B 19 -18.33 19.27 -3.43
C THR B 19 -17.85 20.46 -4.24
N ILE B 20 -17.68 20.25 -5.56
CA ILE B 20 -17.39 21.37 -6.47
C ILE B 20 -18.48 21.33 -7.56
N GLU B 21 -19.52 20.52 -7.29
CA GLU B 21 -20.72 20.35 -8.14
C GLU B 21 -20.53 19.27 -9.19
N GLN B 22 -20.40 19.62 -10.48
CA GLN B 22 -20.13 18.60 -11.48
C GLN B 22 -18.75 17.99 -11.19
N LEU B 23 -18.44 16.88 -11.86
CA LEU B 23 -17.11 16.29 -11.73
C LEU B 23 -16.17 17.33 -12.39
N PHE B 24 -15.13 17.73 -11.64
CA PHE B 24 -14.18 18.75 -12.07
C PHE B 24 -14.83 20.12 -12.13
N GLY B 25 -16.04 20.25 -11.55
CA GLY B 25 -16.74 21.52 -11.49
C GLY B 25 -16.86 22.17 -12.87
N THR B 26 -16.49 23.46 -12.99
CA THR B 26 -16.55 24.15 -14.31
C THR B 26 -15.48 23.63 -15.28
N GLY B 27 -14.48 22.93 -14.72
CA GLY B 27 -13.33 22.48 -15.48
C GLY B 27 -12.20 23.57 -15.45
N ILE B 28 -12.52 24.75 -14.92
CA ILE B 28 -11.59 25.89 -14.85
C ILE B 28 -10.60 25.78 -13.68
N MET B 29 -9.32 25.94 -13.97
CA MET B 29 -8.30 25.88 -12.93
C MET B 29 -7.62 27.25 -12.80
N VAL B 30 -7.40 27.72 -11.59
CA VAL B 30 -6.73 28.99 -11.42
C VAL B 30 -5.34 28.78 -11.97
N PRO B 31 -5.04 29.38 -13.15
CA PRO B 31 -3.72 29.24 -13.78
C PRO B 31 -2.64 29.57 -12.78
N ASP B 32 -1.65 28.69 -12.71
CA ASP B 32 -0.55 28.81 -11.77
C ASP B 32 -0.85 28.41 -10.34
N TYR B 33 -2.08 28.05 -10.04
CA TYR B 33 -2.37 27.69 -8.66
C TYR B 33 -3.03 26.33 -8.46
N GLY B 34 -3.31 25.65 -9.59
CA GLY B 34 -3.90 24.32 -9.59
C GLY B 34 -5.27 24.06 -8.96
N VAL B 35 -6.00 25.11 -8.59
CA VAL B 35 -7.30 24.97 -7.93
C VAL B 35 -8.45 24.92 -8.95
N ILE B 36 -9.16 23.79 -8.99
CA ILE B 36 -10.31 23.59 -9.89
C ILE B 36 -11.49 24.32 -9.25
N LEU B 37 -12.20 25.11 -10.04
CA LEU B 37 -13.30 25.88 -9.54
C LEU B 37 -14.68 25.22 -9.74
N ASN B 38 -15.49 25.34 -8.70
CA ASN B 38 -16.83 24.82 -8.67
C ASN B 38 -17.76 25.47 -9.72
N ASN B 39 -18.87 24.79 -10.03
CA ASN B 39 -19.88 25.32 -10.95
C ASN B 39 -21.16 25.30 -10.11
N GLU B 40 -20.99 25.52 -8.81
CA GLU B 40 -22.11 25.48 -7.86
C GLU B 40 -23.33 26.33 -8.21
N LEU B 41 -23.11 27.52 -8.76
CA LEU B 41 -24.25 28.35 -9.11
C LEU B 41 -25.23 27.73 -10.11
N THR B 42 -24.86 26.64 -10.80
CA THR B 42 -25.90 26.04 -11.69
C THR B 42 -26.93 25.25 -10.88
N ASP B 43 -26.69 25.13 -9.58
CA ASP B 43 -27.65 24.44 -8.72
C ASP B 43 -28.83 25.40 -8.46
N PHE B 44 -28.68 26.66 -8.83
CA PHE B 44 -29.80 27.65 -8.73
C PHE B 44 -30.76 27.30 -9.87
N ASP B 45 -31.99 27.81 -9.79
CA ASP B 45 -32.93 27.64 -10.90
C ASP B 45 -32.42 28.45 -12.08
N ALA B 46 -32.50 27.93 -13.29
CA ALA B 46 -32.09 28.74 -14.43
C ALA B 46 -33.20 29.82 -14.72
N ILE B 47 -34.48 29.46 -14.59
CA ILE B 47 -35.55 30.46 -14.78
C ILE B 47 -35.91 31.09 -13.42
N PRO B 48 -35.71 32.40 -13.27
CA PRO B 48 -36.02 33.03 -11.98
C PRO B 48 -37.49 33.09 -11.55
N GLY B 49 -37.70 33.59 -10.34
CA GLY B 49 -39.05 33.75 -9.81
C GLY B 49 -39.38 32.85 -8.62
N GLY B 50 -38.70 31.71 -8.51
CA GLY B 50 -38.98 30.76 -7.45
C GLY B 50 -38.07 30.80 -6.23
N ALA B 51 -38.33 29.90 -5.30
CA ALA B 51 -37.55 29.85 -4.09
C ALA B 51 -36.03 29.74 -4.38
N ASN B 52 -35.70 29.02 -5.43
CA ASN B 52 -34.25 28.82 -5.68
C ASN B 52 -33.71 29.64 -6.86
N GLU B 53 -34.26 30.83 -7.05
CA GLU B 53 -33.77 31.70 -8.15
C GLU B 53 -32.42 32.27 -7.72
N VAL B 54 -31.59 32.61 -8.72
CA VAL B 54 -30.30 33.22 -8.50
C VAL B 54 -30.52 34.64 -7.96
N GLN B 55 -29.73 35.03 -6.96
CA GLN B 55 -29.71 36.40 -6.44
C GLN B 55 -28.28 36.70 -6.03
N PRO B 56 -27.84 37.97 -6.14
CA PRO B 56 -26.47 38.29 -5.73
C PRO B 56 -26.26 37.90 -4.25
N ASN B 57 -25.13 37.27 -3.93
CA ASN B 57 -24.77 36.83 -2.58
C ASN B 57 -25.65 35.74 -1.94
N LYS B 58 -26.55 35.17 -2.73
CA LYS B 58 -27.43 34.09 -2.26
C LYS B 58 -26.72 32.76 -2.55
N ARG B 59 -27.06 31.71 -1.80
CA ARG B 59 -26.45 30.40 -1.98
C ARG B 59 -27.42 29.48 -2.71
N PRO B 60 -26.91 28.68 -3.66
CA PRO B 60 -27.74 27.76 -4.40
C PRO B 60 -28.17 26.58 -3.53
N LEU B 61 -29.45 26.22 -3.67
CA LEU B 61 -30.03 25.08 -2.97
C LEU B 61 -29.17 23.83 -3.18
N SER B 62 -28.86 23.15 -2.08
CA SER B 62 -28.06 21.94 -2.11
C SER B 62 -28.99 20.74 -1.73
N SER B 63 -28.49 19.53 -1.94
CA SER B 63 -29.21 18.30 -1.59
C SER B 63 -28.33 17.54 -0.59
N MET B 64 -27.16 18.08 -0.26
CA MET B 64 -26.22 17.40 0.68
C MET B 64 -26.89 17.15 2.01
N THR B 65 -26.81 15.91 2.46
CA THR B 65 -27.48 15.60 3.69
C THR B 65 -26.63 14.91 4.78
N PRO B 66 -25.50 15.54 5.23
CA PRO B 66 -24.70 14.88 6.28
C PRO B 66 -25.68 14.80 7.47
N THR B 67 -25.77 13.62 8.10
CA THR B 67 -26.71 13.39 9.16
C THR B 67 -26.08 12.53 10.27
N ILE B 68 -26.53 12.77 11.47
CA ILE B 68 -26.07 12.01 12.65
C ILE B 68 -27.36 11.60 13.39
N LEU B 69 -27.45 10.33 13.77
CA LEU B 69 -28.59 9.79 14.49
C LEU B 69 -28.13 9.59 15.92
N PHE B 70 -29.03 9.88 16.85
CA PHE B 70 -28.76 9.80 18.30
C PHE B 70 -29.72 8.85 18.99
N LYS B 71 -29.27 8.18 20.05
CA LYS B 71 -30.16 7.31 20.82
C LYS B 71 -29.80 7.71 22.25
N ASP B 72 -30.76 8.22 22.98
CA ASP B 72 -30.51 8.67 24.34
C ASP B 72 -29.40 9.71 24.40
N ASP B 73 -29.48 10.68 23.48
CA ASP B 73 -28.56 11.79 23.39
C ASP B 73 -27.12 11.49 23.04
N LYS B 74 -26.82 10.24 22.70
CA LYS B 74 -25.46 9.92 22.28
C LYS B 74 -25.51 9.63 20.78
N PRO B 75 -24.50 10.09 20.02
CA PRO B 75 -24.49 9.82 18.56
C PRO B 75 -24.31 8.33 18.35
N VAL B 76 -25.09 7.72 17.46
CA VAL B 76 -24.93 6.28 17.23
C VAL B 76 -24.76 5.96 15.78
N LEU B 77 -25.04 6.92 14.92
CA LEU B 77 -24.88 6.62 13.50
C LEU B 77 -24.71 7.89 12.75
N THR B 78 -23.84 7.83 11.74
CA THR B 78 -23.63 8.95 10.84
C THR B 78 -23.93 8.42 9.41
N VAL B 79 -24.48 9.28 8.55
CA VAL B 79 -24.81 8.90 7.18
C VAL B 79 -24.65 10.14 6.31
N GLY B 80 -24.26 9.91 5.07
CA GLY B 80 -24.12 11.01 4.11
C GLY B 80 -23.81 10.39 2.76
N SER B 81 -23.86 11.18 1.67
CA SER B 81 -23.51 10.61 0.38
C SER B 81 -23.45 11.68 -0.68
N PRO B 82 -22.83 11.39 -1.83
CA PRO B 82 -22.74 12.32 -2.94
C PRO B 82 -23.91 11.91 -3.83
N GLY B 83 -24.17 12.62 -4.93
CA GLY B 83 -25.24 12.18 -5.83
C GLY B 83 -26.29 13.19 -6.30
N GLY B 84 -26.06 14.47 -6.10
CA GLY B 84 -27.04 15.45 -6.56
C GLY B 84 -28.36 15.26 -5.84
N ALA B 85 -29.47 15.43 -6.54
CA ALA B 85 -30.76 15.30 -5.86
C ALA B 85 -30.95 13.88 -5.28
N THR B 86 -30.19 12.90 -5.77
CA THR B 86 -30.35 11.55 -5.23
C THR B 86 -29.78 11.38 -3.84
N ILE B 87 -28.99 12.34 -3.36
CA ILE B 87 -28.44 12.21 -2.03
C ILE B 87 -29.52 11.90 -0.99
N ILE B 88 -30.61 12.68 -1.06
CA ILE B 88 -31.70 12.52 -0.09
C ILE B 88 -32.21 11.10 -0.06
N SER B 89 -32.36 10.52 -1.24
CA SER B 89 -32.83 9.14 -1.37
C SER B 89 -31.84 8.11 -0.87
N SER B 90 -30.54 8.30 -1.12
CA SER B 90 -29.57 7.33 -0.60
C SER B 90 -29.50 7.34 0.89
N VAL B 91 -29.59 8.51 1.51
CA VAL B 91 -29.50 8.61 2.94
C VAL B 91 -30.76 8.04 3.56
N LEU B 92 -31.89 8.33 2.93
CA LEU B 92 -33.16 7.81 3.40
C LEU B 92 -33.17 6.31 3.37
N GLN B 93 -32.71 5.74 2.27
CA GLN B 93 -32.70 4.29 2.14
C GLN B 93 -31.79 3.51 3.14
N THR B 94 -30.57 4.00 3.34
CA THR B 94 -29.62 3.44 4.32
C THR B 94 -30.26 3.47 5.75
N ILE B 95 -30.91 4.57 6.10
CA ILE B 95 -31.53 4.69 7.39
C ILE B 95 -32.67 3.68 7.45
N LEU B 96 -33.53 3.68 6.45
CA LEU B 96 -34.62 2.69 6.42
C LEU B 96 -34.14 1.28 6.59
N TYR B 97 -33.14 0.89 5.81
CA TYR B 97 -32.64 -0.50 5.88
C TYR B 97 -31.97 -0.86 7.21
N HIS B 98 -31.21 0.07 7.79
CA HIS B 98 -30.49 -0.20 9.03
C HIS B 98 -31.42 -0.10 10.20
N ILE B 99 -32.37 0.86 10.16
CA ILE B 99 -33.26 1.07 11.30
C ILE B 99 -34.56 0.32 11.23
N GLU B 100 -35.37 0.56 10.20
CA GLU B 100 -36.64 -0.19 10.13
C GLU B 100 -36.49 -1.66 9.79
N TYR B 101 -35.63 -2.02 8.82
CA TYR B 101 -35.47 -3.44 8.51
C TYR B 101 -34.45 -4.15 9.43
N GLY B 102 -33.76 -3.36 10.22
CA GLY B 102 -32.79 -3.87 11.15
C GLY B 102 -31.54 -4.51 10.54
N MET B 103 -31.21 -4.19 9.29
CA MET B 103 -30.04 -4.79 8.64
C MET B 103 -28.71 -4.27 9.20
N GLU B 104 -27.71 -5.16 9.16
CA GLU B 104 -26.36 -4.87 9.60
C GLU B 104 -25.93 -3.70 8.70
N LEU B 105 -25.16 -2.76 9.26
CA LEU B 105 -24.76 -1.55 8.53
C LEU B 105 -24.26 -1.72 7.09
N LYS B 106 -23.30 -2.62 6.85
CA LYS B 106 -22.76 -2.79 5.50
C LYS B 106 -23.85 -3.24 4.53
N ALA B 107 -24.61 -4.24 4.97
CA ALA B 107 -25.70 -4.77 4.15
C ALA B 107 -26.73 -3.66 3.89
N ALA B 108 -26.97 -2.78 4.87
CA ALA B 108 -27.95 -1.72 4.63
C ALA B 108 -27.40 -0.80 3.56
N VAL B 109 -26.11 -0.46 3.64
CA VAL B 109 -25.46 0.42 2.65
C VAL B 109 -25.44 -0.15 1.24
N GLU B 110 -25.27 -1.46 1.13
CA GLU B 110 -25.20 -2.15 -0.15
C GLU B 110 -26.55 -2.53 -0.75
N GLU B 111 -27.63 -2.44 0.03
CA GLU B 111 -28.99 -2.81 -0.44
C GLU B 111 -29.28 -1.92 -1.67
N PRO B 112 -29.70 -2.52 -2.80
CA PRO B 112 -29.98 -1.78 -4.04
C PRO B 112 -30.96 -0.66 -3.85
N ARG B 113 -30.57 0.56 -4.24
CA ARG B 113 -31.44 1.70 -4.06
C ARG B 113 -32.19 2.06 -5.33
N ILE B 114 -33.23 2.88 -5.19
CA ILE B 114 -33.92 3.41 -6.34
C ILE B 114 -33.97 4.92 -6.09
N TYR B 115 -34.31 5.66 -7.15
CA TYR B 115 -34.47 7.08 -7.07
C TYR B 115 -35.43 7.55 -8.17
N THR B 116 -36.35 8.42 -7.83
CA THR B 116 -37.24 8.98 -8.87
C THR B 116 -37.83 10.26 -8.31
N ASN B 117 -37.52 11.38 -8.97
CA ASN B 117 -38.02 12.68 -8.49
C ASN B 117 -39.27 13.17 -9.24
N SER B 118 -39.64 12.49 -10.33
CA SER B 118 -40.80 12.88 -11.11
C SER B 118 -41.23 11.67 -11.96
N MET B 119 -42.32 11.80 -12.72
CA MET B 119 -42.80 10.69 -13.58
C MET B 119 -41.88 10.38 -14.76
N SER B 120 -40.92 11.27 -15.01
CA SER B 120 -39.99 11.11 -16.13
C SER B 120 -38.54 10.94 -15.73
N SER B 121 -38.27 10.77 -14.44
CA SER B 121 -36.91 10.62 -13.97
C SER B 121 -36.82 9.44 -12.99
N TYR B 122 -36.36 8.29 -13.47
CA TYR B 122 -36.24 7.09 -12.64
C TYR B 122 -34.86 6.45 -12.74
N ARG B 123 -34.35 5.94 -11.61
CA ARG B 123 -33.09 5.26 -11.60
C ARG B 123 -33.20 4.09 -10.63
N TYR B 124 -32.51 3.01 -10.91
CA TYR B 124 -32.51 1.88 -9.99
C TYR B 124 -31.15 1.19 -10.04
N GLU B 125 -30.75 0.56 -8.95
CA GLU B 125 -29.46 -0.17 -8.94
C GLU B 125 -29.63 -1.65 -9.28
N ASP B 126 -28.55 -2.25 -9.70
CA ASP B 126 -28.54 -3.68 -9.99
C ASP B 126 -28.97 -4.48 -8.73
N GLY B 127 -29.95 -5.40 -8.84
CA GLY B 127 -30.42 -6.11 -7.67
C GLY B 127 -31.92 -5.86 -7.46
N VAL B 128 -32.42 -4.74 -7.95
CA VAL B 128 -33.87 -4.54 -7.85
C VAL B 128 -34.39 -5.63 -8.82
N PRO B 129 -35.12 -6.64 -8.30
CA PRO B 129 -35.68 -7.76 -9.08
C PRO B 129 -36.30 -7.28 -10.38
N LYS B 130 -36.05 -8.01 -11.46
CA LYS B 130 -36.61 -7.60 -12.75
C LYS B 130 -38.11 -7.75 -12.80
N ASP B 131 -38.62 -8.76 -12.09
CA ASP B 131 -40.06 -8.99 -11.99
C ASP B 131 -40.71 -7.80 -11.23
N VAL B 132 -40.02 -7.22 -10.25
CA VAL B 132 -40.56 -6.07 -9.55
C VAL B 132 -40.63 -4.84 -10.48
N LEU B 133 -39.61 -4.66 -11.30
CA LEU B 133 -39.52 -3.51 -12.21
C LEU B 133 -40.63 -3.61 -13.25
N SER B 134 -40.89 -4.83 -13.67
CA SER B 134 -41.95 -5.01 -14.63
C SER B 134 -43.32 -4.73 -13.98
N LYS B 135 -43.51 -5.09 -12.71
CA LYS B 135 -44.78 -4.83 -12.01
C LYS B 135 -44.97 -3.30 -11.81
N LEU B 136 -43.89 -2.61 -11.45
CA LEU B 136 -43.97 -1.17 -11.23
C LEU B 136 -44.20 -0.42 -12.53
N ASN B 137 -43.47 -0.80 -13.59
CA ASN B 137 -43.71 -0.13 -14.86
C ASN B 137 -45.13 -0.46 -15.30
N GLY B 138 -45.56 -1.70 -15.05
CA GLY B 138 -46.92 -2.09 -15.39
C GLY B 138 -47.96 -1.12 -14.83
N MET B 139 -47.67 -0.54 -13.67
CA MET B 139 -48.58 0.41 -13.02
C MET B 139 -48.47 1.88 -13.45
N GLY B 140 -47.48 2.21 -14.27
CA GLY B 140 -47.29 3.58 -14.69
C GLY B 140 -45.91 4.16 -14.38
N HIS B 141 -45.09 3.41 -13.65
CA HIS B 141 -43.73 3.89 -13.35
C HIS B 141 -42.90 3.78 -14.63
N LYS B 142 -41.79 4.51 -14.66
CA LYS B 142 -40.94 4.47 -15.84
C LYS B 142 -39.50 4.10 -15.59
N PHE B 143 -39.26 2.97 -14.93
CA PHE B 143 -37.88 2.52 -14.72
C PHE B 143 -37.30 2.11 -16.11
N GLY B 144 -36.03 2.41 -16.34
CA GLY B 144 -35.41 2.09 -17.61
C GLY B 144 -34.91 0.68 -17.86
N THR B 145 -34.31 0.46 -19.03
CA THR B 145 -33.80 -0.85 -19.41
C THR B 145 -32.55 -1.26 -18.68
N SER B 146 -31.86 -0.29 -18.07
CA SER B 146 -30.66 -0.65 -17.33
C SER B 146 -30.43 0.04 -15.97
N PRO B 147 -29.74 -0.65 -15.05
CA PRO B 147 -29.43 -0.13 -13.72
C PRO B 147 -28.29 0.85 -13.73
N VAL B 148 -28.23 1.72 -12.74
CA VAL B 148 -27.13 2.65 -12.57
C VAL B 148 -26.82 2.65 -11.08
N ASP B 149 -25.57 2.87 -10.71
CA ASP B 149 -25.28 2.96 -9.28
C ASP B 149 -25.84 4.27 -8.77
N ILE B 150 -26.26 4.25 -7.51
CA ILE B 150 -26.80 5.43 -6.89
C ILE B 150 -26.16 5.76 -5.54
N GLY B 151 -25.50 6.90 -5.50
CA GLY B 151 -24.89 7.35 -4.27
C GLY B 151 -23.60 6.67 -3.86
N ASN B 152 -23.10 7.00 -2.67
CA ASN B 152 -21.87 6.41 -2.19
C ASN B 152 -21.83 6.75 -0.74
N VAL B 153 -22.50 5.92 0.06
CA VAL B 153 -22.65 6.17 1.47
C VAL B 153 -21.54 5.66 2.37
N GLN B 154 -20.86 6.60 3.04
CA GLN B 154 -19.86 6.29 4.06
C GLN B 154 -20.63 6.45 5.37
N SER B 155 -20.44 5.53 6.28
CA SER B 155 -21.20 5.58 7.48
C SER B 155 -20.43 4.99 8.69
N ILE B 156 -20.66 5.56 9.87
CA ILE B 156 -20.04 5.06 11.10
C ILE B 156 -21.10 4.79 12.15
N SER B 157 -20.99 3.63 12.79
CA SER B 157 -21.94 3.27 13.85
C SER B 157 -21.16 3.34 15.16
N ILE B 158 -21.79 3.74 16.26
CA ILE B 158 -21.05 3.79 17.51
C ILE B 158 -21.79 3.05 18.62
N ASP B 159 -21.17 1.98 19.09
CA ASP B 159 -21.75 1.13 20.15
C ASP B 159 -21.20 1.58 21.48
N HIS B 160 -21.98 2.37 22.19
CA HIS B 160 -21.56 2.90 23.47
C HIS B 160 -21.52 1.82 24.56
N GLU B 161 -22.13 0.68 24.30
CA GLU B 161 -22.15 -0.42 25.28
C GLU B 161 -20.78 -1.06 25.37
N ASN B 162 -20.24 -1.43 24.21
CA ASN B 162 -18.95 -2.07 24.12
C ASN B 162 -17.85 -1.07 23.87
N GLY B 163 -18.25 0.19 23.73
CA GLY B 163 -17.31 1.24 23.45
C GLY B 163 -16.52 0.88 22.20
N THR B 164 -17.22 0.65 21.09
CA THR B 164 -16.54 0.29 19.85
C THR B 164 -17.11 1.14 18.71
N PHE B 165 -16.47 1.08 17.56
CA PHE B 165 -16.89 1.90 16.41
C PHE B 165 -16.92 0.96 15.24
N LYS B 166 -17.72 1.28 14.24
CA LYS B 166 -17.79 0.43 13.05
C LYS B 166 -17.85 1.38 11.90
N GLY B 167 -16.99 1.18 10.91
CA GLY B 167 -17.01 2.06 9.76
C GLY B 167 -17.33 1.30 8.49
N VAL B 168 -18.05 1.97 7.58
CA VAL B 168 -18.42 1.36 6.32
C VAL B 168 -18.26 2.33 5.15
N ALA B 169 -17.73 1.85 4.02
CA ALA B 169 -17.60 2.68 2.85
C ALA B 169 -18.38 1.89 1.84
N ASP B 170 -19.19 2.59 1.04
CA ASP B 170 -20.04 2.04 -0.01
C ASP B 170 -19.16 1.45 -1.13
N SER B 171 -19.50 0.25 -1.59
CA SER B 171 -18.72 -0.34 -2.67
C SER B 171 -18.93 0.41 -4.00
N SER B 172 -19.75 1.45 -4.01
CA SER B 172 -19.97 2.17 -5.26
C SER B 172 -18.75 2.99 -5.67
N ARG B 173 -17.85 3.21 -4.71
CA ARG B 173 -16.57 3.86 -4.99
C ARG B 173 -15.51 3.01 -4.27
N ASN B 174 -14.23 3.33 -4.45
CA ASN B 174 -13.18 2.52 -3.80
C ASN B 174 -12.79 3.07 -2.42
N GLY B 175 -13.79 3.39 -1.61
CA GLY B 175 -13.52 3.98 -0.33
C GLY B 175 -12.94 3.02 0.66
N ALA B 176 -12.57 3.55 1.81
CA ALA B 176 -11.98 2.72 2.85
C ALA B 176 -12.36 3.17 4.24
N ALA B 177 -12.61 2.20 5.11
CA ALA B 177 -12.94 2.47 6.48
C ALA B 177 -11.72 1.97 7.28
N ILE B 178 -11.26 2.77 8.22
CA ILE B 178 -10.12 2.40 9.02
C ILE B 178 -10.38 2.64 10.50
N GLY B 179 -10.39 1.56 11.28
CA GLY B 179 -10.60 1.72 12.71
C GLY B 179 -9.29 2.12 13.38
N ILE B 180 -9.39 2.79 14.50
CA ILE B 180 -8.24 3.22 15.28
C ILE B 180 -8.16 2.33 16.53
N ASN B 181 -6.99 1.80 16.83
CA ASN B 181 -6.79 0.97 18.04
C ASN B 181 -5.53 1.46 18.77
N LEU B 182 -5.83 2.29 19.78
CA LEU B 182 -4.92 3.00 20.66
C LEU B 182 -4.82 4.39 20.05
N TYR C 20 17.82 -38.15 -0.22
CA TYR C 20 17.44 -39.07 -1.31
C TYR C 20 16.90 -38.44 -2.58
N LYS C 21 15.75 -37.77 -2.57
CA LYS C 21 15.25 -37.13 -3.81
C LYS C 21 15.40 -35.62 -3.82
N GLN C 22 15.38 -35.03 -5.02
CA GLN C 22 15.48 -33.57 -5.15
C GLN C 22 14.12 -32.91 -5.32
N VAL C 23 13.07 -33.74 -5.37
CA VAL C 23 11.71 -33.22 -5.39
C VAL C 23 10.89 -34.12 -4.47
N ASP C 24 10.18 -33.53 -3.51
CA ASP C 24 9.32 -34.33 -2.67
C ASP C 24 8.01 -33.63 -2.31
N VAL C 25 7.05 -34.40 -1.81
CA VAL C 25 5.78 -33.83 -1.43
C VAL C 25 5.47 -34.30 -0.01
N GLY C 26 4.63 -33.54 0.67
CA GLY C 26 4.29 -33.95 2.03
C GLY C 26 3.05 -33.25 2.48
N LYS C 27 2.35 -33.85 3.46
CA LYS C 27 1.11 -33.30 3.98
C LYS C 27 1.29 -32.60 5.32
N ASP C 28 2.40 -32.89 6.01
CA ASP C 28 2.65 -32.27 7.31
C ASP C 28 3.94 -31.48 7.42
N GLY C 29 4.53 -31.08 6.31
CA GLY C 29 5.73 -30.26 6.38
C GLY C 29 6.70 -30.60 5.28
N MET C 30 7.72 -29.77 5.15
CA MET C 30 8.69 -30.01 4.10
C MET C 30 10.04 -29.36 4.48
N VAL C 31 11.12 -30.01 4.06
CA VAL C 31 12.44 -29.42 4.26
C VAL C 31 13.17 -29.57 2.90
N ALA C 32 13.96 -28.57 2.53
CA ALA C 32 14.74 -28.66 1.28
C ALA C 32 16.09 -27.99 1.62
N THR C 33 17.20 -28.75 1.57
CA THR C 33 18.53 -28.20 1.86
C THR C 33 19.50 -28.80 0.82
N ALA C 34 20.73 -28.29 0.82
CA ALA C 34 21.77 -28.69 -0.10
C ALA C 34 22.51 -29.98 0.26
N HIS C 35 22.22 -30.56 1.43
CA HIS C 35 22.90 -31.80 1.80
C HIS C 35 21.87 -32.83 2.37
N PRO C 36 21.88 -34.04 1.83
CA PRO C 36 20.91 -35.03 2.31
C PRO C 36 21.00 -35.25 3.79
N LEU C 37 22.19 -35.21 4.36
CA LEU C 37 22.24 -35.48 5.79
C LEU C 37 21.63 -34.34 6.63
N ALA C 38 21.62 -33.14 6.07
CA ALA C 38 21.04 -32.02 6.82
C ALA C 38 19.53 -32.09 6.66
N SER C 39 19.10 -32.40 5.46
CA SER C 39 17.67 -32.50 5.22
C SER C 39 17.08 -33.56 6.14
N GLU C 40 17.81 -34.65 6.29
CA GLU C 40 17.38 -35.76 7.15
C GLU C 40 17.20 -35.24 8.56
N ILE C 41 18.25 -34.58 9.05
CA ILE C 41 18.18 -33.97 10.39
C ILE C 41 16.98 -33.03 10.58
N GLY C 42 16.78 -32.16 9.62
CA GLY C 42 15.66 -31.22 9.70
C GLY C 42 14.36 -31.99 9.67
N ALA C 43 14.25 -33.04 8.83
CA ALA C 43 12.97 -33.81 8.72
C ALA C 43 12.68 -34.56 10.02
N ASP C 44 13.75 -35.00 10.67
CA ASP C 44 13.59 -35.72 11.92
C ASP C 44 13.07 -34.81 13.01
N VAL C 45 13.49 -33.54 12.99
CA VAL C 45 12.97 -32.61 13.99
C VAL C 45 11.45 -32.44 13.82
N LEU C 46 11.03 -32.21 12.60
CA LEU C 46 9.58 -32.11 12.33
C LEU C 46 8.85 -33.42 12.65
N LYS C 47 9.49 -34.53 12.36
CA LYS C 47 8.83 -35.80 12.62
C LYS C 47 8.61 -35.98 14.12
N LYS C 48 9.60 -35.55 14.90
CA LYS C 48 9.48 -35.68 16.33
C LYS C 48 8.74 -34.49 17.00
N GLY C 49 7.96 -33.76 16.19
CA GLY C 49 7.14 -32.69 16.74
C GLY C 49 7.61 -31.26 16.80
N GLY C 50 8.81 -30.97 16.30
CA GLY C 50 9.31 -29.60 16.33
C GLY C 50 8.66 -28.76 15.21
N ASN C 51 8.82 -27.44 15.29
CA ASN C 51 8.24 -26.56 14.30
C ASN C 51 9.33 -26.21 13.29
N ALA C 52 8.99 -25.40 12.30
CA ALA C 52 9.95 -25.07 11.25
C ALA C 52 11.24 -24.39 11.73
N ILE C 53 11.10 -23.60 12.77
CA ILE C 53 12.28 -22.84 13.27
C ILE C 53 13.23 -23.80 13.96
N ASP C 54 12.67 -24.69 14.80
CA ASP C 54 13.47 -25.73 15.48
C ASP C 54 14.26 -26.50 14.42
N ALA C 55 13.53 -26.90 13.37
CA ALA C 55 14.13 -27.68 12.29
C ALA C 55 15.22 -26.91 11.55
N ALA C 56 14.98 -25.63 11.29
CA ALA C 56 15.96 -24.80 10.58
C ALA C 56 17.23 -24.64 11.43
N VAL C 57 17.08 -24.54 12.75
CA VAL C 57 18.23 -24.41 13.62
C VAL C 57 19.04 -25.70 13.58
N ALA C 58 18.36 -26.84 13.60
CA ALA C 58 19.07 -28.12 13.56
C ALA C 58 19.76 -28.26 12.23
N ILE C 59 19.09 -27.79 11.18
CA ILE C 59 19.68 -27.90 9.85
C ILE C 59 20.94 -27.07 9.73
N GLN C 60 20.94 -25.86 10.31
CA GLN C 60 22.14 -25.01 10.23
C GLN C 60 23.32 -25.73 10.88
N PHE C 61 23.10 -26.33 12.03
CA PHE C 61 24.19 -27.08 12.68
C PHE C 61 24.64 -28.26 11.81
N ALA C 62 23.70 -28.89 11.12
CA ALA C 62 24.04 -30.05 10.29
C ALA C 62 24.83 -29.66 9.04
N LEU C 63 24.43 -28.54 8.44
CA LEU C 63 25.13 -28.04 7.26
C LEU C 63 26.53 -27.55 7.67
N ASN C 64 26.67 -27.03 8.90
CA ASN C 64 28.00 -26.57 9.42
C ASN C 64 28.97 -27.75 9.41
N VAL C 65 28.44 -28.93 9.74
CA VAL C 65 29.27 -30.15 9.75
C VAL C 65 29.45 -30.81 8.40
N THR C 66 28.40 -30.94 7.61
CA THR C 66 28.48 -31.70 6.35
C THR C 66 28.77 -30.88 5.08
N GLU C 67 28.57 -29.57 5.13
CA GLU C 67 28.87 -28.69 3.97
C GLU C 67 29.63 -27.57 4.67
N PRO C 68 30.70 -27.92 5.41
CA PRO C 68 31.52 -26.96 6.17
C PRO C 68 32.15 -25.83 5.39
N MET C 69 32.29 -26.01 4.09
CA MET C 69 32.88 -24.96 3.30
C MET C 69 31.87 -23.85 2.99
N MET C 70 30.57 -24.13 3.15
CA MET C 70 29.52 -23.14 2.79
C MET C 70 28.88 -22.22 3.84
N SER C 71 28.88 -22.62 5.11
CA SER C 71 28.26 -21.83 6.17
C SER C 71 28.60 -22.53 7.46
N GLY C 72 28.19 -21.91 8.57
CA GLY C 72 28.44 -22.43 9.88
C GLY C 72 28.54 -21.34 10.93
N ILE C 73 28.93 -21.72 12.13
CA ILE C 73 28.98 -20.74 13.20
C ILE C 73 30.11 -19.76 13.08
N GLY C 74 31.05 -19.99 12.14
CA GLY C 74 32.08 -19.00 11.90
C GLY C 74 31.61 -17.93 10.88
N GLY C 75 30.33 -17.94 10.50
CA GLY C 75 29.81 -16.99 9.48
C GLY C 75 28.55 -16.20 9.91
N GLY C 76 27.67 -15.96 8.94
CA GLY C 76 26.45 -15.21 9.15
C GLY C 76 25.48 -15.40 8.00
N GLY C 77 24.27 -14.90 8.21
CA GLY C 77 23.26 -15.12 7.19
C GLY C 77 21.99 -14.30 7.40
N PHE C 78 20.94 -14.59 6.63
CA PHE C 78 19.68 -13.88 6.76
C PHE C 78 18.64 -14.98 6.82
N MET C 79 17.93 -15.02 7.94
CA MET C 79 16.89 -16.04 8.15
C MET C 79 15.52 -15.38 8.12
N MET C 80 14.79 -15.63 7.04
CA MET C 80 13.45 -15.06 6.95
C MET C 80 12.44 -16.03 7.53
N VAL C 81 11.61 -15.53 8.45
CA VAL C 81 10.66 -16.37 9.13
C VAL C 81 9.24 -15.81 9.06
N TYR C 82 8.32 -16.63 8.57
CA TYR C 82 6.89 -16.27 8.56
C TYR C 82 6.28 -17.06 9.73
N ASP C 83 5.74 -16.31 10.69
CA ASP C 83 5.15 -16.84 11.94
C ASP C 83 3.64 -17.11 11.71
N GLY C 84 3.28 -18.40 11.65
CA GLY C 84 1.90 -18.83 11.39
C GLY C 84 0.89 -18.34 12.42
N LYS C 85 1.36 -18.09 13.64
CA LYS C 85 0.51 -17.59 14.70
C LYS C 85 0.20 -16.12 14.52
N THR C 86 1.25 -15.31 14.40
CA THR C 86 1.07 -13.87 14.29
C THR C 86 0.84 -13.37 12.88
N LYS C 87 1.23 -14.18 11.88
CA LYS C 87 1.08 -13.79 10.49
C LYS C 87 2.10 -12.78 10.04
N ASP C 88 3.06 -12.46 10.91
CA ASP C 88 4.10 -11.50 10.58
C ASP C 88 5.36 -12.18 10.02
N THR C 89 6.07 -11.50 9.12
CA THR C 89 7.28 -12.05 8.54
C THR C 89 8.40 -11.17 9.01
N THR C 90 9.47 -11.79 9.48
CA THR C 90 10.61 -11.00 9.95
C THR C 90 11.87 -11.71 9.53
N ILE C 91 12.98 -11.00 9.69
CA ILE C 91 14.28 -11.51 9.29
C ILE C 91 15.28 -11.43 10.46
N ILE C 92 15.91 -12.54 10.82
CA ILE C 92 16.95 -12.46 11.85
C ILE C 92 18.17 -12.22 10.95
N ASP C 93 18.76 -11.06 11.06
CA ASP C 93 19.91 -10.70 10.24
C ASP C 93 21.19 -10.95 11.06
N SER C 94 21.94 -11.98 10.70
CA SER C 94 23.15 -12.30 11.47
C SER C 94 24.45 -12.02 10.69
N ARG C 95 24.34 -11.09 9.76
CA ARG C 95 25.46 -10.60 8.95
C ARG C 95 26.57 -10.16 9.97
N GLU C 96 27.80 -10.58 9.70
CA GLU C 96 28.93 -10.27 10.52
C GLU C 96 29.16 -8.77 10.46
N ARG C 97 29.89 -8.28 11.45
CA ARG C 97 30.23 -6.89 11.50
C ARG C 97 31.76 -6.75 11.53
N ALA C 98 32.26 -5.66 10.96
CA ALA C 98 33.71 -5.42 10.99
C ALA C 98 34.04 -5.08 12.41
N PRO C 99 35.20 -5.51 12.90
CA PRO C 99 35.67 -5.24 14.26
C PRO C 99 35.86 -3.72 14.49
N ALA C 100 35.88 -3.30 15.74
CA ALA C 100 36.12 -1.89 16.08
C ALA C 100 37.43 -1.37 15.47
N GLY C 101 38.41 -2.27 15.34
CA GLY C 101 39.70 -1.90 14.79
C GLY C 101 39.78 -1.79 13.28
N ALA C 102 38.73 -2.13 12.56
CA ALA C 102 38.78 -2.06 11.10
C ALA C 102 38.88 -0.60 10.61
N THR C 103 39.44 -0.37 9.43
CA THR C 103 39.56 0.99 8.85
C THR C 103 39.20 0.99 7.35
N PRO C 104 38.71 2.13 6.85
CA PRO C 104 38.33 2.24 5.43
C PRO C 104 39.33 1.68 4.44
N ASP C 105 40.61 1.89 4.70
CA ASP C 105 41.62 1.41 3.79
C ASP C 105 42.36 0.16 4.25
N MET C 106 41.75 -0.64 5.11
CA MET C 106 42.45 -1.83 5.55
C MET C 106 42.73 -2.79 4.43
N PHE C 107 42.05 -2.66 3.31
CA PHE C 107 42.36 -3.56 2.20
C PHE C 107 43.34 -3.02 1.15
N LEU C 108 43.99 -1.89 1.44
CA LEU C 108 44.95 -1.29 0.51
C LEU C 108 46.35 -1.62 0.98
N ASP C 109 47.27 -1.95 0.06
CA ASP C 109 48.67 -2.24 0.47
C ASP C 109 49.48 -0.94 0.67
N GLU C 110 50.79 -1.07 0.93
CA GLU C 110 51.68 0.09 1.16
C GLU C 110 51.55 1.25 0.15
N ASN C 111 51.20 0.93 -1.10
CA ASN C 111 51.07 1.97 -2.10
C ASN C 111 49.67 2.49 -2.45
N GLY C 112 48.68 2.25 -1.59
CA GLY C 112 47.33 2.72 -1.85
C GLY C 112 46.57 1.88 -2.85
N LYS C 113 47.15 0.75 -3.23
CA LYS C 113 46.59 -0.16 -4.22
C LYS C 113 45.86 -1.32 -3.49
N ALA C 114 44.70 -1.71 -4.00
CA ALA C 114 43.96 -2.78 -3.34
C ALA C 114 44.76 -4.11 -3.33
N ILE C 115 44.81 -4.79 -2.19
CA ILE C 115 45.50 -6.05 -2.16
C ILE C 115 44.69 -7.00 -3.07
N PRO C 116 45.38 -7.79 -3.91
CA PRO C 116 44.79 -8.77 -4.85
C PRO C 116 43.71 -9.58 -4.14
N PHE C 117 42.54 -9.76 -4.75
CA PHE C 117 41.44 -10.47 -4.08
C PHE C 117 41.84 -11.82 -3.47
N SER C 118 42.44 -12.67 -4.28
CA SER C 118 42.89 -14.00 -3.85
C SER C 118 43.69 -13.89 -2.58
N GLU C 119 44.38 -12.78 -2.44
CA GLU C 119 45.19 -12.54 -1.25
C GLU C 119 44.43 -11.96 -0.05
N ARG C 120 43.56 -10.95 -0.25
CA ARG C 120 42.90 -10.41 0.93
C ARG C 120 41.94 -11.39 1.57
N VAL C 121 41.29 -12.26 0.79
CA VAL C 121 40.37 -13.23 1.37
C VAL C 121 41.03 -14.12 2.42
N THR C 122 42.36 -14.26 2.43
CA THR C 122 42.99 -15.09 3.47
C THR C 122 43.57 -14.35 4.67
N LYS C 123 43.45 -13.02 4.69
CA LYS C 123 43.99 -12.25 5.79
C LYS C 123 43.07 -12.16 7.00
N GLY C 124 43.65 -11.97 8.17
CA GLY C 124 42.82 -11.83 9.36
C GLY C 124 41.84 -10.66 9.24
N THR C 125 42.21 -9.63 8.51
CA THR C 125 41.36 -8.46 8.35
C THR C 125 40.05 -8.79 7.64
N ALA C 126 40.00 -9.90 6.91
CA ALA C 126 38.74 -10.27 6.21
C ALA C 126 37.69 -10.88 7.14
N VAL C 127 38.10 -11.28 8.35
CA VAL C 127 37.16 -11.91 9.25
C VAL C 127 36.16 -11.00 9.95
N GLY C 128 34.88 -11.22 9.70
CA GLY C 128 33.88 -10.42 10.34
C GLY C 128 33.48 -11.10 11.64
N VAL C 129 32.89 -10.35 12.58
CA VAL C 129 32.49 -10.94 13.87
C VAL C 129 31.34 -11.92 13.49
N PRO C 130 31.51 -13.22 13.79
CA PRO C 130 30.48 -14.20 13.42
C PRO C 130 29.13 -13.98 14.06
N GLY C 131 28.06 -14.06 13.27
CA GLY C 131 26.74 -13.89 13.85
C GLY C 131 25.80 -15.09 13.80
N THR C 132 26.15 -16.12 13.03
CA THR C 132 25.23 -17.26 12.88
C THR C 132 24.69 -17.82 14.16
N LEU C 133 25.59 -18.15 15.09
CA LEU C 133 25.11 -18.73 16.33
C LEU C 133 24.15 -17.78 17.12
N LYS C 134 24.50 -16.50 17.18
CA LYS C 134 23.62 -15.49 17.85
C LYS C 134 22.24 -15.51 17.18
N GLY C 135 22.24 -15.58 15.85
CA GLY C 135 20.96 -15.66 15.12
C GLY C 135 20.16 -16.91 15.48
N LEU C 136 20.81 -18.08 15.59
CA LEU C 136 20.10 -19.32 15.97
C LEU C 136 19.45 -19.18 17.37
N GLU C 137 20.21 -18.58 18.30
CA GLU C 137 19.75 -18.37 19.65
C GLU C 137 18.52 -17.47 19.63
N GLU C 138 18.58 -16.40 18.86
CA GLU C 138 17.45 -15.47 18.74
C GLU C 138 16.23 -16.18 18.20
N ALA C 139 16.42 -16.96 17.14
CA ALA C 139 15.32 -17.68 16.52
C ALA C 139 14.66 -18.62 17.54
N LEU C 140 15.47 -19.34 18.31
CA LEU C 140 14.86 -20.27 19.27
C LEU C 140 14.14 -19.52 20.40
N ASP C 141 14.73 -18.42 20.84
CA ASP C 141 14.14 -17.59 21.92
C ASP C 141 12.76 -17.08 21.45
N LYS C 142 12.66 -16.66 20.20
CA LYS C 142 11.39 -16.17 19.72
C LYS C 142 10.31 -17.23 19.36
N TRP C 143 10.73 -18.26 18.64
CA TRP C 143 9.83 -19.28 18.10
C TRP C 143 10.09 -20.75 18.45
N GLY C 144 11.25 -21.01 19.05
CA GLY C 144 11.64 -22.37 19.38
C GLY C 144 10.76 -23.19 20.30
N THR C 145 10.67 -24.47 20.03
CA THR C 145 9.92 -25.37 20.90
C THR C 145 10.83 -26.52 21.32
N ARG C 146 12.09 -26.51 20.84
CA ARG C 146 13.06 -27.54 21.24
C ARG C 146 14.27 -26.72 21.65
N SER C 147 15.05 -27.23 22.60
CA SER C 147 16.24 -26.50 23.13
C SER C 147 17.42 -26.61 22.18
N MET C 148 18.31 -25.63 22.21
CA MET C 148 19.49 -25.70 21.35
C MET C 148 20.21 -27.04 21.57
N LYS C 149 20.21 -27.47 22.84
CA LYS C 149 20.88 -28.68 23.27
C LYS C 149 20.30 -29.85 22.50
N GLN C 150 18.97 -29.92 22.44
CA GLN C 150 18.36 -31.02 21.71
C GLN C 150 18.67 -30.91 20.22
N LEU C 151 18.59 -29.71 19.69
CA LEU C 151 18.78 -29.60 18.25
C LEU C 151 20.19 -29.73 17.72
N ILE C 152 21.18 -29.49 18.57
CA ILE C 152 22.58 -29.57 18.13
C ILE C 152 23.16 -31.00 18.27
N THR C 153 22.51 -31.82 19.09
CA THR C 153 22.98 -33.17 19.35
C THR C 153 23.18 -34.08 18.12
N PRO C 154 22.26 -34.02 17.13
CA PRO C 154 22.49 -34.89 15.97
C PRO C 154 23.76 -34.48 15.20
N SER C 155 24.05 -33.19 15.22
CA SER C 155 25.22 -32.69 14.50
C SER C 155 26.46 -33.02 15.30
N ILE C 156 26.37 -33.07 16.64
CA ILE C 156 27.54 -33.44 17.40
C ILE C 156 27.92 -34.86 17.00
N LYS C 157 26.93 -35.69 16.73
CA LYS C 157 27.21 -37.04 16.30
C LYS C 157 27.93 -37.09 14.93
N LEU C 158 27.43 -36.30 13.97
CA LEU C 158 28.01 -36.25 12.62
C LEU C 158 29.43 -35.71 12.72
N ALA C 159 29.65 -34.72 13.56
CA ALA C 159 30.97 -34.16 13.70
C ALA C 159 31.87 -35.20 14.40
N GLU C 160 31.38 -35.84 15.47
CA GLU C 160 32.22 -36.82 16.21
C GLU C 160 32.49 -38.14 15.49
N LYS C 161 31.43 -38.82 15.09
CA LYS C 161 31.56 -40.11 14.42
C LYS C 161 31.89 -40.01 12.94
N GLY C 162 31.74 -38.83 12.35
CA GLY C 162 32.04 -38.69 10.94
C GLY C 162 30.93 -39.11 10.01
N PHE C 163 31.16 -38.83 8.73
CA PHE C 163 30.25 -39.14 7.66
C PHE C 163 31.07 -39.13 6.38
N PRO C 164 30.58 -39.81 5.34
CA PRO C 164 31.26 -39.89 4.04
C PRO C 164 30.98 -38.63 3.21
N ILE C 165 32.07 -37.99 2.83
CA ILE C 165 32.08 -36.75 2.09
C ILE C 165 31.44 -36.87 0.71
N ASP C 166 30.61 -35.90 0.34
CA ASP C 166 29.97 -35.95 -0.97
C ASP C 166 30.87 -35.32 -2.02
N SER C 167 30.46 -35.35 -3.29
CA SER C 167 31.29 -34.81 -4.38
C SER C 167 31.58 -33.31 -4.34
N VAL C 168 30.62 -32.53 -3.84
CA VAL C 168 30.81 -31.07 -3.78
C VAL C 168 31.85 -30.74 -2.71
N LEU C 169 31.76 -31.41 -1.57
CA LEU C 169 32.75 -31.19 -0.52
C LEU C 169 34.16 -31.63 -1.00
N ALA C 170 34.28 -32.84 -1.51
CA ALA C 170 35.60 -33.32 -1.97
C ALA C 170 36.18 -32.34 -2.98
N GLU C 171 35.38 -31.95 -3.96
CA GLU C 171 35.85 -31.02 -4.98
C GLU C 171 36.36 -29.71 -4.36
N ALA C 172 35.64 -29.22 -3.36
CA ALA C 172 36.04 -28.02 -2.65
C ALA C 172 37.37 -28.16 -1.91
N ILE C 173 37.58 -29.30 -1.25
CA ILE C 173 38.82 -29.50 -0.49
C ILE C 173 40.00 -29.49 -1.44
N SER C 174 39.79 -30.08 -2.61
CA SER C 174 40.83 -30.15 -3.62
C SER C 174 41.07 -28.78 -4.22
N ASP C 175 40.00 -28.13 -4.63
CA ASP C 175 40.08 -26.80 -5.25
C ASP C 175 40.71 -25.75 -4.37
N TYR C 176 40.54 -25.89 -3.06
CA TYR C 176 41.10 -24.91 -2.14
C TYR C 176 42.15 -25.45 -1.19
N GLN C 177 42.96 -26.44 -1.59
CA GLN C 177 44.02 -27.01 -0.70
C GLN C 177 45.04 -26.00 -0.23
N GLU C 178 45.43 -25.16 -1.16
CA GLU C 178 46.42 -24.11 -0.91
C GLU C 178 45.97 -23.25 0.26
N LYS C 179 44.75 -22.72 0.15
CA LYS C 179 44.18 -21.90 1.22
C LYS C 179 44.18 -22.68 2.54
N LEU C 180 43.67 -23.92 2.48
CA LEU C 180 43.58 -24.76 3.68
C LEU C 180 44.91 -25.18 4.27
N SER C 181 45.90 -25.39 3.43
CA SER C 181 47.20 -25.83 3.93
C SER C 181 47.93 -24.78 4.79
N ARG C 182 47.52 -23.52 4.72
CA ARG C 182 48.20 -22.45 5.43
C ARG C 182 47.73 -22.29 6.88
N THR C 183 46.68 -23.04 7.27
CA THR C 183 46.13 -22.90 8.62
C THR C 183 45.88 -24.22 9.36
N ALA C 184 45.32 -24.15 10.56
CA ALA C 184 45.02 -25.36 11.32
C ALA C 184 43.95 -26.25 10.60
N ALA C 185 43.29 -25.67 9.58
CA ALA C 185 42.29 -26.42 8.82
C ALA C 185 42.93 -27.65 8.12
N LYS C 186 44.22 -27.54 7.82
CA LYS C 186 44.91 -28.62 7.13
C LYS C 186 44.85 -29.97 7.91
N ASP C 187 44.85 -29.92 9.25
CA ASP C 187 44.78 -31.15 10.04
C ASP C 187 43.47 -31.91 9.88
N VAL C 188 42.44 -31.21 9.43
CA VAL C 188 41.11 -31.77 9.25
C VAL C 188 40.87 -32.19 7.82
N PHE C 189 41.00 -31.25 6.88
CA PHE C 189 40.75 -31.54 5.49
C PHE C 189 41.91 -32.10 4.66
N LEU C 190 43.14 -31.87 5.09
CA LEU C 190 44.31 -32.36 4.38
C LEU C 190 45.12 -33.26 5.34
N PRO C 191 44.48 -34.31 5.89
CA PRO C 191 45.05 -35.28 6.84
C PRO C 191 46.57 -35.48 6.78
N ASN C 192 47.07 -35.92 5.64
CA ASN C 192 48.52 -36.11 5.53
C ASN C 192 49.01 -35.39 4.31
N GLY C 193 48.80 -34.09 4.29
CA GLY C 193 49.21 -33.33 3.13
C GLY C 193 48.39 -33.75 1.93
N GLU C 194 47.34 -34.54 2.17
CA GLU C 194 46.47 -35.00 1.10
C GLU C 194 45.00 -34.76 1.40
N PRO C 195 44.25 -34.23 0.42
CA PRO C 195 42.83 -33.92 0.46
C PRO C 195 42.01 -35.17 0.60
N LEU C 196 40.99 -35.13 1.45
CA LEU C 196 40.12 -36.29 1.62
C LEU C 196 39.46 -36.44 0.25
N LYS C 197 39.12 -37.67 -0.14
CA LYS C 197 38.48 -37.92 -1.44
C LYS C 197 37.00 -38.19 -1.25
N GLU C 198 36.25 -38.04 -2.33
CA GLU C 198 34.82 -38.30 -2.25
C GLU C 198 34.61 -39.64 -1.60
N GLY C 199 33.68 -39.70 -0.65
CA GLY C 199 33.40 -40.95 0.04
C GLY C 199 34.27 -41.29 1.25
N ASP C 200 35.41 -40.62 1.42
CA ASP C 200 36.26 -40.86 2.59
C ASP C 200 35.48 -40.29 3.78
N THR C 201 35.74 -40.81 4.98
CA THR C 201 35.08 -40.33 6.20
C THR C 201 35.68 -39.03 6.71
N LEU C 202 34.85 -38.03 6.99
CA LEU C 202 35.36 -36.77 7.57
C LEU C 202 34.92 -36.73 9.02
N ILE C 203 35.89 -36.66 9.92
CA ILE C 203 35.66 -36.61 11.35
C ILE C 203 36.12 -35.22 11.78
N GLN C 204 35.34 -34.58 12.64
CA GLN C 204 35.68 -33.23 13.11
C GLN C 204 35.58 -33.17 14.63
N LYS C 205 36.53 -33.81 15.32
CA LYS C 205 36.46 -33.86 16.76
C LYS C 205 36.54 -32.50 17.44
N ASP C 206 37.32 -31.59 16.86
CA ASP C 206 37.42 -30.28 17.49
C ASP C 206 36.09 -29.54 17.36
N LEU C 207 35.49 -29.58 16.17
CA LEU C 207 34.17 -28.95 15.98
C LEU C 207 33.15 -29.62 16.94
N ALA C 208 33.20 -30.94 17.12
CA ALA C 208 32.27 -31.58 18.04
C ALA C 208 32.48 -31.00 19.46
N LYS C 209 33.75 -30.73 19.78
CA LYS C 209 34.09 -30.22 21.10
C LYS C 209 33.42 -28.88 21.31
N THR C 210 33.51 -28.05 20.29
CA THR C 210 32.87 -26.74 20.31
C THR C 210 31.35 -26.87 20.44
N PHE C 211 30.72 -27.81 19.71
CA PHE C 211 29.25 -27.93 19.80
C PHE C 211 28.82 -28.37 21.16
N LYS C 212 29.64 -29.22 21.74
CA LYS C 212 29.37 -29.73 23.07
C LYS C 212 29.48 -28.60 24.08
N LEU C 213 30.30 -27.61 23.77
CA LEU C 213 30.48 -26.47 24.67
C LEU C 213 29.21 -25.64 24.61
N ILE C 214 28.75 -25.42 23.37
CA ILE C 214 27.50 -24.69 23.12
C ILE C 214 26.36 -25.44 23.79
N ARG C 215 26.30 -26.74 23.57
CA ARG C 215 25.28 -27.54 24.19
C ARG C 215 25.22 -27.39 25.72
N SER C 216 26.38 -27.36 26.36
CA SER C 216 26.50 -27.23 27.83
C SER C 216 26.34 -25.81 28.39
N LYS C 217 27.07 -24.86 27.82
CA LYS C 217 27.05 -23.47 28.28
C LYS C 217 26.18 -22.47 27.54
N GLY C 218 25.57 -22.87 26.41
CA GLY C 218 24.77 -21.91 25.66
C GLY C 218 25.69 -21.12 24.74
N THR C 219 25.13 -20.17 24.00
CA THR C 219 25.92 -19.39 23.07
C THR C 219 26.94 -18.44 23.69
N ASP C 220 26.86 -18.19 24.99
CA ASP C 220 27.83 -17.33 25.64
C ASP C 220 29.18 -18.02 25.62
N ALA C 221 29.19 -19.31 25.33
CA ALA C 221 30.42 -20.06 25.28
C ALA C 221 31.17 -19.76 24.00
N PHE C 222 30.51 -19.12 23.04
CA PHE C 222 31.11 -18.76 21.77
C PHE C 222 31.52 -17.29 21.82
N TYR C 223 30.66 -16.45 22.38
CA TYR C 223 30.90 -15.00 22.42
C TYR C 223 31.70 -14.46 23.60
N LYS C 224 31.88 -15.30 24.61
CA LYS C 224 32.62 -14.90 25.83
C LYS C 224 33.52 -16.03 26.27
N GLY C 225 34.57 -15.70 27.04
CA GLY C 225 35.45 -16.74 27.52
C GLY C 225 36.57 -17.28 26.66
N LYS C 226 37.00 -18.50 26.99
CA LYS C 226 38.11 -19.20 26.31
C LYS C 226 37.97 -19.36 24.80
N PHE C 227 36.79 -19.75 24.32
CA PHE C 227 36.66 -19.89 22.88
C PHE C 227 36.81 -18.51 22.20
N ALA C 228 36.17 -17.49 22.78
CA ALA C 228 36.20 -16.12 22.26
C ALA C 228 37.61 -15.59 22.23
N LYS C 229 38.35 -15.83 23.31
CA LYS C 229 39.75 -15.38 23.36
C LYS C 229 40.57 -16.13 22.28
N THR C 230 40.36 -17.43 22.13
CA THR C 230 41.12 -18.17 21.10
C THR C 230 40.78 -17.67 19.69
N LEU C 231 39.50 -17.37 19.45
CA LEU C 231 39.09 -16.91 18.11
C LEU C 231 39.71 -15.52 17.86
N SER C 232 39.60 -14.65 18.87
CA SER C 232 40.13 -13.30 18.81
C SER C 232 41.69 -13.41 18.61
N ASP C 233 42.34 -14.26 19.40
CA ASP C 233 43.79 -14.39 19.26
C ASP C 233 44.20 -14.93 17.91
N THR C 234 43.36 -15.76 17.30
CA THR C 234 43.68 -16.30 15.98
C THR C 234 43.50 -15.29 14.86
N VAL C 235 42.44 -14.50 14.91
CA VAL C 235 42.21 -13.46 13.92
C VAL C 235 43.45 -12.49 13.95
N GLN C 236 43.89 -12.21 15.16
CA GLN C 236 45.07 -11.36 15.37
C GLN C 236 46.32 -12.03 14.78
N ASP C 237 46.54 -13.31 15.09
CA ASP C 237 47.71 -14.04 14.57
C ASP C 237 47.76 -13.84 13.08
N PHE C 238 46.60 -13.88 12.42
CA PHE C 238 46.55 -13.69 10.97
C PHE C 238 46.46 -12.26 10.51
N GLY C 239 46.61 -11.35 11.47
CA GLY C 239 46.63 -9.94 11.14
C GLY C 239 45.37 -9.09 11.26
N GLY C 240 44.24 -9.63 11.76
CA GLY C 240 43.01 -8.82 11.88
C GLY C 240 42.94 -8.17 13.25
N SER C 241 42.09 -7.19 13.42
CA SER C 241 42.02 -6.45 14.69
C SER C 241 40.96 -6.95 15.67
N MET C 242 40.24 -8.01 15.33
CA MET C 242 39.17 -8.50 16.22
C MET C 242 39.59 -8.79 17.64
N THR C 243 38.82 -8.27 18.58
CA THR C 243 39.07 -8.45 20.00
C THR C 243 37.95 -9.22 20.65
N GLU C 244 38.23 -9.67 21.86
CA GLU C 244 37.18 -10.33 22.63
C GLU C 244 36.00 -9.39 22.84
N LYS C 245 36.27 -8.09 23.04
CA LYS C 245 35.13 -7.23 23.27
C LYS C 245 34.29 -7.09 21.98
N ASP C 246 34.88 -7.29 20.79
CA ASP C 246 34.08 -7.24 19.55
C ASP C 246 33.04 -8.36 19.61
N LEU C 247 33.46 -9.51 20.10
CA LEU C 247 32.57 -10.68 20.23
C LEU C 247 31.52 -10.48 21.27
N GLU C 248 31.92 -9.91 22.40
CA GLU C 248 30.97 -9.67 23.48
C GLU C 248 29.91 -8.61 23.11
N ASN C 249 30.27 -7.71 22.19
CA ASN C 249 29.41 -6.62 21.74
C ASN C 249 28.46 -7.01 20.64
N TYR C 250 28.74 -8.15 20.01
CA TYR C 250 27.92 -8.55 18.90
C TYR C 250 26.49 -8.90 19.19
N ASP C 251 25.61 -8.41 18.34
CA ASP C 251 24.22 -8.84 18.38
C ASP C 251 23.66 -8.86 16.98
N ILE C 252 22.66 -9.70 16.74
CA ILE C 252 22.01 -9.70 15.42
C ILE C 252 21.05 -8.47 15.34
N THR C 253 20.40 -8.28 14.19
CA THR C 253 19.38 -7.23 14.11
C THR C 253 18.13 -7.98 13.58
N ILE C 254 16.98 -7.49 13.94
CA ILE C 254 15.70 -8.05 13.46
C ILE C 254 15.33 -7.06 12.39
N ASP C 255 15.35 -7.50 11.15
CA ASP C 255 15.04 -6.63 10.01
C ASP C 255 13.62 -6.89 9.50
N GLU C 256 13.06 -5.83 8.95
CA GLU C 256 11.72 -5.82 8.41
C GLU C 256 11.84 -6.19 6.93
N PRO C 257 11.03 -7.16 6.44
CA PRO C 257 11.20 -7.46 5.02
C PRO C 257 10.87 -6.27 4.08
N ILE C 258 11.41 -6.28 2.87
CA ILE C 258 11.03 -5.27 1.86
C ILE C 258 9.92 -5.98 1.07
N TRP C 259 8.78 -5.33 0.85
CA TRP C 259 7.69 -5.99 0.14
C TRP C 259 7.43 -5.44 -1.24
N GLY C 260 6.91 -6.30 -2.10
CA GLY C 260 6.58 -5.86 -3.46
C GLY C 260 5.44 -6.69 -4.02
N ASP C 261 4.79 -6.18 -5.05
CA ASP C 261 3.67 -6.87 -5.68
C ASP C 261 4.11 -7.36 -7.04
N TYR C 262 3.76 -8.59 -7.36
CA TYR C 262 4.16 -9.13 -8.63
C TYR C 262 3.20 -10.22 -9.13
N GLN C 263 2.64 -10.01 -10.31
CA GLN C 263 1.70 -10.95 -10.92
C GLN C 263 0.67 -11.55 -9.95
N GLY C 264 0.11 -10.74 -9.07
CA GLY C 264 -0.88 -11.29 -8.14
C GLY C 264 -0.32 -11.81 -6.82
N TYR C 265 1.01 -11.92 -6.71
CA TYR C 265 1.64 -12.35 -5.45
C TYR C 265 2.15 -11.15 -4.68
N GLN C 266 2.48 -11.37 -3.42
CA GLN C 266 3.11 -10.33 -2.63
C GLN C 266 4.47 -10.98 -2.36
N ILE C 267 5.54 -10.23 -2.59
CA ILE C 267 6.88 -10.76 -2.32
C ILE C 267 7.45 -10.10 -1.08
N ALA C 268 7.96 -10.91 -0.14
CA ALA C 268 8.64 -10.40 1.07
C ALA C 268 10.09 -10.81 0.82
N THR C 269 11.00 -9.85 0.80
CA THR C 269 12.41 -10.16 0.54
C THR C 269 13.29 -9.31 1.49
N THR C 270 14.59 -9.52 1.37
CA THR C 270 15.56 -8.92 2.25
C THR C 270 16.03 -7.53 1.93
N PRO C 271 16.01 -6.63 2.93
CA PRO C 271 16.42 -5.26 2.75
C PRO C 271 17.89 -5.09 3.05
N PRO C 272 18.40 -3.87 2.89
CA PRO C 272 19.82 -3.59 3.19
C PRO C 272 19.97 -4.06 4.67
N PRO C 273 21.16 -4.51 5.10
CA PRO C 273 22.45 -4.66 4.43
C PRO C 273 22.54 -5.64 3.24
N SER C 274 21.43 -6.24 2.80
CA SER C 274 21.52 -7.07 1.57
C SER C 274 21.05 -6.22 0.39
N SER C 275 21.63 -6.38 -0.77
CA SER C 275 21.18 -5.66 -1.94
C SER C 275 20.17 -6.58 -2.65
N GLY C 276 20.06 -7.79 -2.15
CA GLY C 276 19.20 -8.79 -2.79
C GLY C 276 17.76 -8.42 -3.04
N GLY C 277 17.06 -8.05 -1.97
CA GLY C 277 15.64 -7.74 -2.07
C GLY C 277 15.36 -6.58 -2.99
N ILE C 278 16.08 -5.48 -2.80
CA ILE C 278 15.83 -4.30 -3.59
C ILE C 278 15.92 -4.57 -5.05
N PHE C 279 17.03 -5.17 -5.45
CA PHE C 279 17.21 -5.40 -6.85
C PHE C 279 16.44 -6.55 -7.48
N LEU C 280 15.99 -7.52 -6.66
CA LEU C 280 15.14 -8.61 -7.17
C LEU C 280 13.82 -7.89 -7.54
N LEU C 281 13.31 -7.05 -6.63
CA LEU C 281 12.04 -6.32 -6.90
C LEU C 281 12.20 -5.32 -8.03
N GLN C 282 13.37 -4.69 -8.09
CA GLN C 282 13.57 -3.71 -9.15
C GLN C 282 13.63 -4.36 -10.51
N MET C 283 14.33 -5.48 -10.60
CA MET C 283 14.44 -6.21 -11.86
C MET C 283 13.07 -6.72 -12.29
N LEU C 284 12.26 -7.22 -11.35
CA LEU C 284 10.93 -7.70 -11.70
C LEU C 284 10.10 -6.54 -12.25
N LYS C 285 10.09 -5.39 -11.56
CA LYS C 285 9.34 -4.21 -12.01
C LYS C 285 9.77 -3.72 -13.39
N ILE C 286 11.07 -3.76 -13.66
CA ILE C 286 11.57 -3.32 -14.96
C ILE C 286 11.11 -4.33 -16.01
N LEU C 287 11.27 -5.62 -15.73
CA LEU C 287 10.85 -6.58 -16.73
C LEU C 287 9.33 -6.60 -17.00
N ASP C 288 8.55 -6.22 -16.01
CA ASP C 288 7.10 -6.30 -16.15
C ASP C 288 6.55 -5.51 -17.34
N HIS C 289 7.34 -4.58 -17.84
CA HIS C 289 6.86 -3.77 -18.93
C HIS C 289 6.92 -4.49 -20.27
N PHE C 290 7.86 -5.40 -20.37
CA PHE C 290 8.10 -6.10 -21.57
C PHE C 290 7.26 -7.38 -21.73
N ASN C 291 6.30 -7.63 -20.82
CA ASN C 291 5.43 -8.82 -20.89
C ASN C 291 6.20 -10.02 -21.41
N LEU C 292 7.28 -10.35 -20.68
CA LEU C 292 8.23 -11.43 -21.00
C LEU C 292 7.75 -12.75 -21.54
N SER C 293 6.66 -13.30 -20.97
CA SER C 293 6.23 -14.62 -21.44
C SER C 293 5.44 -14.63 -22.74
N GLN C 294 5.48 -13.52 -23.47
CA GLN C 294 4.84 -13.47 -24.76
C GLN C 294 5.93 -14.10 -25.65
N TYR C 295 7.15 -14.14 -25.12
CA TYR C 295 8.28 -14.73 -25.86
C TYR C 295 8.51 -16.18 -25.41
N ASP C 296 9.07 -17.02 -26.28
CA ASP C 296 9.36 -18.41 -25.91
C ASP C 296 10.36 -18.38 -24.77
N VAL C 297 10.30 -19.40 -23.90
CA VAL C 297 11.17 -19.46 -22.75
C VAL C 297 12.64 -19.45 -23.10
N ARG C 298 13.03 -20.00 -24.25
CA ARG C 298 14.46 -19.95 -24.61
C ARG C 298 14.78 -19.08 -25.85
N SER C 299 13.87 -18.18 -26.20
CA SER C 299 14.07 -17.29 -27.35
C SER C 299 15.11 -16.22 -27.00
N TRP C 300 15.90 -15.81 -28.01
CA TRP C 300 16.92 -14.77 -27.82
C TRP C 300 16.36 -13.52 -27.15
N GLU C 301 15.07 -13.21 -27.39
CA GLU C 301 14.41 -12.04 -26.83
C GLU C 301 14.38 -12.07 -25.31
N LYS C 302 13.94 -13.20 -24.76
CA LYS C 302 13.84 -13.32 -23.32
C LYS C 302 15.21 -13.06 -22.70
N TYR C 303 16.22 -13.71 -23.24
CA TYR C 303 17.52 -13.52 -22.65
C TYR C 303 18.05 -12.09 -22.78
N GLN C 304 17.60 -11.41 -23.84
CA GLN C 304 18.06 -10.05 -24.14
C GLN C 304 17.58 -9.09 -23.08
N LEU C 305 16.28 -9.22 -22.81
CA LEU C 305 15.56 -8.40 -21.89
C LEU C 305 16.14 -8.61 -20.52
N LEU C 306 16.43 -9.87 -20.18
CA LEU C 306 17.06 -10.17 -18.87
C LEU C 306 18.41 -9.49 -18.74
N ALA C 307 19.30 -9.72 -19.71
CA ALA C 307 20.63 -9.13 -19.69
C ALA C 307 20.62 -7.61 -19.53
N GLU C 308 19.80 -6.93 -20.34
CA GLU C 308 19.73 -5.47 -20.30
C GLU C 308 19.21 -5.03 -18.94
N THR C 309 18.23 -5.76 -18.40
CA THR C 309 17.69 -5.38 -17.11
C THR C 309 18.72 -5.56 -15.99
N MET C 310 19.42 -6.68 -16.04
CA MET C 310 20.45 -6.90 -15.03
C MET C 310 21.54 -5.79 -15.10
N HIS C 311 21.95 -5.37 -16.30
CA HIS C 311 22.98 -4.33 -16.37
C HIS C 311 22.58 -3.06 -15.65
N LEU C 312 21.31 -2.68 -15.81
CA LEU C 312 20.87 -1.43 -15.14
C LEU C 312 20.75 -1.62 -13.64
N SER C 313 20.14 -2.72 -13.22
CA SER C 313 20.00 -2.96 -11.79
C SER C 313 21.32 -3.15 -11.08
N TYR C 314 22.22 -3.92 -11.68
CA TYR C 314 23.51 -4.11 -11.01
C TYR C 314 24.34 -2.82 -11.00
N ALA C 315 24.11 -1.91 -11.95
CA ALA C 315 24.84 -0.64 -11.91
C ALA C 315 24.27 0.14 -10.71
N ASP C 316 22.96 0.10 -10.48
CA ASP C 316 22.42 0.87 -9.33
C ASP C 316 22.96 0.26 -8.05
N ARG C 317 23.05 -1.07 -8.02
CA ARG C 317 23.55 -1.76 -6.81
C ARG C 317 24.97 -1.32 -6.47
N ALA C 318 25.83 -1.23 -7.47
CA ALA C 318 27.21 -0.82 -7.24
C ALA C 318 27.30 0.60 -6.68
N SER C 319 26.37 1.43 -7.10
CA SER C 319 26.34 2.81 -6.72
C SER C 319 25.66 3.15 -5.41
N TYR C 320 24.55 2.46 -5.12
CA TYR C 320 23.70 2.85 -3.98
C TYR C 320 23.45 1.91 -2.82
N ALA C 321 24.00 0.70 -2.87
CA ALA C 321 23.74 -0.28 -1.82
C ALA C 321 24.82 -0.40 -0.74
N GLY C 322 24.41 -0.37 0.52
CA GLY C 322 25.34 -0.52 1.64
C GLY C 322 24.59 -0.74 2.95
N ASP C 323 25.30 -0.86 4.07
CA ASP C 323 24.65 -1.09 5.36
C ASP C 323 23.79 0.14 5.68
N PRO C 324 22.45 -0.02 5.80
CA PRO C 324 21.66 1.19 6.09
C PRO C 324 21.93 1.84 7.45
N GLU C 325 22.59 1.16 8.39
CA GLU C 325 22.90 1.83 9.66
C GLU C 325 23.96 2.89 9.39
N PHE C 326 24.64 2.77 8.25
CA PHE C 326 25.71 3.70 7.96
C PHE C 326 25.56 4.60 6.76
N VAL C 327 24.84 4.17 5.75
CA VAL C 327 24.72 4.97 4.52
C VAL C 327 23.25 5.05 4.12
N ASN C 328 22.89 6.09 3.40
CA ASN C 328 21.50 6.26 2.97
C ASN C 328 21.23 5.56 1.64
N VAL C 329 20.49 4.48 1.73
CA VAL C 329 20.14 3.73 0.51
C VAL C 329 18.80 4.27 0.05
N PRO C 330 18.71 4.75 -1.21
CA PRO C 330 17.49 5.30 -1.80
C PRO C 330 16.48 4.24 -2.26
N LEU C 331 16.12 3.40 -1.29
CA LEU C 331 15.19 2.29 -1.51
C LEU C 331 13.91 2.77 -2.18
N LYS C 332 13.28 3.79 -1.59
CA LYS C 332 12.02 4.29 -2.16
C LYS C 332 12.20 4.76 -3.63
N GLY C 333 13.26 5.53 -3.86
CA GLY C 333 13.46 6.04 -5.20
C GLY C 333 13.80 4.95 -6.23
N LEU C 334 14.53 3.93 -5.80
CA LEU C 334 15.00 2.82 -6.68
C LEU C 334 13.85 1.94 -7.19
N LEU C 335 12.74 1.96 -6.45
CA LEU C 335 11.55 1.17 -6.81
C LEU C 335 10.37 2.09 -7.21
N HIS C 336 10.55 3.41 -7.21
CA HIS C 336 9.46 4.32 -7.61
C HIS C 336 9.03 3.98 -9.02
N PRO C 337 7.73 3.89 -9.25
CA PRO C 337 7.21 3.55 -10.58
C PRO C 337 7.70 4.40 -11.72
N ASP C 338 7.91 5.70 -11.49
CA ASP C 338 8.45 6.56 -12.56
C ASP C 338 9.98 6.42 -12.71
N TYR C 339 10.67 5.95 -11.67
CA TYR C 339 12.09 5.72 -11.85
C TYR C 339 12.18 4.41 -12.72
N ILE C 340 11.34 3.43 -12.42
CA ILE C 340 11.33 2.19 -13.18
C ILE C 340 11.05 2.48 -14.65
N LYS C 341 10.13 3.42 -14.90
CA LYS C 341 9.76 3.75 -16.28
C LYS C 341 10.94 4.41 -16.97
N GLU C 342 11.70 5.18 -16.22
CA GLU C 342 12.89 5.78 -16.83
C GLU C 342 13.88 4.70 -17.26
N ARG C 343 14.07 3.73 -16.37
CA ARG C 343 15.02 2.68 -16.63
C ARG C 343 14.55 1.80 -17.76
N GLN C 344 13.24 1.50 -17.76
CA GLN C 344 12.62 0.64 -18.80
C GLN C 344 12.83 1.33 -20.14
N GLN C 345 12.68 2.65 -20.12
CA GLN C 345 12.86 3.43 -21.34
C GLN C 345 14.27 3.24 -21.98
N LEU C 346 15.26 2.87 -21.17
CA LEU C 346 16.62 2.71 -21.64
C LEU C 346 16.92 1.37 -22.34
N ILE C 347 15.96 0.48 -22.29
CA ILE C 347 16.10 -0.88 -22.83
C ILE C 347 15.36 -1.04 -24.14
N ASN C 348 16.04 -1.56 -25.15
CA ASN C 348 15.44 -1.74 -26.44
C ASN C 348 15.60 -3.20 -26.81
N LEU C 349 14.52 -3.80 -27.28
CA LEU C 349 14.61 -5.23 -27.58
C LEU C 349 15.71 -5.56 -28.59
N ASP C 350 15.86 -4.73 -29.62
CA ASP C 350 16.81 -5.00 -30.71
C ASP C 350 18.22 -4.50 -30.66
N GLN C 351 18.58 -3.80 -29.61
CA GLN C 351 19.95 -3.30 -29.51
C GLN C 351 20.46 -3.42 -28.05
N VAL C 352 21.77 -3.40 -27.89
CA VAL C 352 22.44 -3.46 -26.60
C VAL C 352 22.91 -2.06 -26.18
N ASN C 353 22.53 -1.63 -24.98
CA ASN C 353 23.00 -0.34 -24.46
C ASN C 353 24.36 -0.66 -23.89
N LYS C 354 25.40 -0.40 -24.70
CA LYS C 354 26.76 -0.69 -24.34
C LYS C 354 27.38 0.17 -23.25
N LYS C 355 26.61 1.09 -22.70
CA LYS C 355 27.14 1.91 -21.64
C LYS C 355 26.08 2.04 -20.54
N PRO C 356 25.74 0.92 -19.86
CA PRO C 356 24.73 0.94 -18.79
C PRO C 356 25.34 1.69 -17.60
N LYS C 357 24.55 2.52 -16.95
CA LYS C 357 24.99 3.32 -15.81
C LYS C 357 23.90 3.37 -14.78
N ALA C 358 24.24 3.67 -13.54
CA ALA C 358 23.27 3.80 -12.51
C ALA C 358 22.43 5.05 -12.87
N GLY C 359 21.14 5.01 -12.54
CA GLY C 359 20.25 6.15 -12.79
C GLY C 359 20.27 7.05 -11.56
N ASP C 360 19.33 7.98 -11.46
CA ASP C 360 19.29 8.87 -10.31
C ASP C 360 17.95 8.67 -9.57
N PRO C 361 17.96 7.78 -8.58
CA PRO C 361 16.78 7.46 -7.77
C PRO C 361 16.47 8.55 -6.83
N TRP C 362 17.42 9.46 -6.67
CA TRP C 362 17.19 10.56 -5.74
C TRP C 362 16.11 11.53 -6.22
N LYS C 363 15.88 11.58 -7.53
CA LYS C 363 14.81 12.40 -8.10
C LYS C 363 13.45 11.91 -7.60
N TYR C 364 13.39 10.66 -7.16
CA TYR C 364 12.09 10.11 -6.74
C TYR C 364 11.85 9.87 -5.29
N GLN C 365 12.65 10.51 -4.43
CA GLN C 365 12.48 10.42 -2.99
C GLN C 365 13.23 11.60 -2.38
N GLU C 366 13.08 11.78 -1.07
CA GLU C 366 13.76 12.86 -0.32
C GLU C 366 15.19 12.45 0.03
N GLY C 367 16.04 13.41 0.38
CA GLY C 367 17.40 13.10 0.78
C GLY C 367 18.44 13.03 -0.31
N SER C 368 19.63 12.52 0.07
CA SER C 368 20.76 12.42 -0.86
C SER C 368 21.77 11.43 -0.29
N ALA C 369 22.70 10.97 -1.13
CA ALA C 369 23.69 10.02 -0.67
C ALA C 369 24.70 10.62 0.33
N ASN C 370 25.03 9.89 1.40
CA ASN C 370 26.10 10.40 2.27
C ASN C 370 27.35 9.63 1.96
N TYR C 371 27.68 9.47 0.69
CA TYR C 371 28.87 8.75 0.24
C TYR C 371 29.13 9.15 -1.21
N LYS C 372 30.28 8.76 -1.75
CA LYS C 372 30.66 9.08 -3.13
C LYS C 372 30.48 7.91 -4.08
N GLN C 373 30.74 8.12 -5.36
CA GLN C 373 30.66 7.07 -6.39
C GLN C 373 32.11 6.76 -6.65
N VAL C 374 32.55 5.58 -6.25
CA VAL C 374 33.95 5.24 -6.41
C VAL C 374 34.17 3.94 -7.16
N GLU C 375 34.98 4.00 -8.22
CA GLU C 375 35.30 2.82 -9.01
C GLU C 375 36.05 1.80 -8.16
N GLN C 376 35.79 0.52 -8.37
CA GLN C 376 36.48 -0.53 -7.60
C GLN C 376 37.29 -1.38 -8.59
N PRO C 377 38.36 -2.04 -8.12
CA PRO C 377 39.16 -2.88 -9.02
C PRO C 377 38.44 -4.16 -9.52
N THR D 1 28.39 -20.34 0.66
CA THR D 1 26.97 -19.93 0.88
C THR D 1 26.04 -21.09 0.61
N THR D 2 24.93 -21.13 1.36
CA THR D 2 23.98 -22.18 1.11
C THR D 2 22.63 -21.61 1.44
N HIS D 3 21.61 -22.18 0.81
CA HIS D 3 20.25 -21.75 1.10
C HIS D 3 19.36 -22.94 1.40
N PHE D 4 18.55 -22.84 2.47
CA PHE D 4 17.65 -23.97 2.76
C PHE D 4 16.30 -23.41 3.24
N THR D 5 15.27 -24.26 3.26
CA THR D 5 13.97 -23.79 3.65
C THR D 5 13.23 -24.90 4.35
N VAL D 6 12.32 -24.49 5.21
CA VAL D 6 11.47 -25.41 5.98
C VAL D 6 10.02 -24.85 6.12
N ALA D 7 9.04 -25.74 6.05
CA ALA D 7 7.62 -25.35 6.26
C ALA D 7 7.05 -26.49 7.11
N ASP D 8 6.30 -26.13 8.18
CA ASP D 8 5.74 -27.10 9.12
C ASP D 8 4.24 -27.13 9.02
N ARG D 9 3.62 -28.03 9.80
CA ARG D 9 2.16 -28.19 9.70
C ARG D 9 1.32 -27.17 10.42
N TRP D 10 1.95 -26.18 11.06
CA TRP D 10 1.21 -25.14 11.76
C TRP D 10 1.33 -23.82 10.99
N GLY D 11 1.83 -23.91 9.77
CA GLY D 11 1.90 -22.72 8.94
C GLY D 11 3.17 -21.88 9.05
N ASN D 12 4.11 -22.29 9.89
CA ASN D 12 5.36 -21.51 9.97
C ASN D 12 6.22 -21.81 8.73
N VAL D 13 6.98 -20.81 8.25
CA VAL D 13 7.79 -21.01 7.05
C VAL D 13 9.13 -20.32 7.25
N VAL D 14 10.21 -20.98 6.84
CA VAL D 14 11.56 -20.39 6.99
C VAL D 14 12.28 -20.46 5.66
N SER D 15 13.01 -19.40 5.32
CA SER D 15 13.81 -19.33 4.06
C SER D 15 15.09 -18.66 4.61
N TYR D 16 16.21 -19.36 4.51
CA TYR D 16 17.41 -18.94 5.23
C TYR D 16 18.66 -19.13 4.36
N THR D 17 19.31 -18.02 4.01
CA THR D 17 20.57 -18.08 3.29
C THR D 17 21.67 -17.76 4.36
N THR D 18 22.75 -18.55 4.31
CA THR D 18 23.82 -18.47 5.28
C THR D 18 25.13 -18.65 4.56
N THR D 19 26.19 -18.04 5.08
CA THR D 19 27.51 -18.11 4.42
C THR D 19 28.76 -17.84 5.34
N ILE D 20 29.96 -18.18 4.84
CA ILE D 20 31.21 -17.82 5.52
C ILE D 20 32.03 -17.12 4.44
N GLU D 21 31.30 -16.72 3.38
CA GLU D 21 31.77 -16.00 2.16
C GLU D 21 32.41 -16.96 1.12
N GLN D 22 33.72 -16.89 0.87
CA GLN D 22 34.33 -17.82 -0.08
C GLN D 22 34.13 -19.25 0.41
N LEU D 23 34.43 -20.24 -0.44
CA LEU D 23 34.34 -21.61 0.03
C LEU D 23 35.49 -21.73 1.05
N PHE D 24 35.14 -22.23 2.24
CA PHE D 24 36.03 -22.36 3.39
C PHE D 24 36.42 -20.97 3.96
N GLY D 25 35.75 -19.93 3.50
CA GLY D 25 36.01 -18.60 4.08
C GLY D 25 37.48 -18.23 3.95
N THR D 26 38.08 -17.71 5.03
CA THR D 26 39.53 -17.33 5.03
C THR D 26 40.43 -18.55 4.93
N GLY D 27 39.86 -19.68 5.35
CA GLY D 27 40.60 -20.93 5.38
C GLY D 27 41.17 -21.11 6.78
N ILE D 28 41.04 -20.07 7.60
CA ILE D 28 41.53 -20.12 8.96
C ILE D 28 40.54 -20.88 9.87
N MET D 29 41.07 -21.82 10.65
CA MET D 29 40.29 -22.60 11.62
C MET D 29 40.76 -22.22 13.01
N VAL D 30 39.81 -22.04 13.95
CA VAL D 30 40.20 -21.70 15.31
C VAL D 30 40.89 -22.98 15.88
N PRO D 31 42.19 -22.89 16.23
CA PRO D 31 42.91 -24.06 16.75
C PRO D 31 42.20 -24.74 17.90
N ASP D 32 42.08 -26.06 17.75
CA ASP D 32 41.44 -26.95 18.72
C ASP D 32 39.93 -26.80 18.91
N TYR D 33 39.29 -26.05 18.01
CA TYR D 33 37.85 -25.87 18.13
C TYR D 33 37.15 -26.17 16.82
N GLY D 34 37.95 -26.34 15.78
CA GLY D 34 37.45 -26.75 14.49
C GLY D 34 36.55 -25.83 13.68
N VAL D 35 36.38 -24.59 14.11
CA VAL D 35 35.51 -23.60 13.43
C VAL D 35 36.28 -22.84 12.35
N ILE D 36 35.76 -22.90 11.13
CA ILE D 36 36.30 -22.24 9.93
C ILE D 36 35.81 -20.78 9.97
N LEU D 37 36.72 -19.80 9.85
CA LEU D 37 36.33 -18.39 9.95
C LEU D 37 35.99 -17.69 8.62
N ASN D 38 34.88 -16.94 8.59
CA ASN D 38 34.45 -16.26 7.38
C ASN D 38 35.47 -15.22 6.92
N ASN D 39 35.37 -14.86 5.63
CA ASN D 39 36.19 -13.78 5.08
C ASN D 39 35.20 -12.70 4.60
N GLU D 40 34.08 -12.61 5.32
CA GLU D 40 33.01 -11.71 4.92
C GLU D 40 33.33 -10.26 4.65
N LEU D 41 34.28 -9.74 5.41
CA LEU D 41 34.66 -8.34 5.22
C LEU D 41 35.23 -8.06 3.80
N THR D 42 35.59 -9.08 3.02
CA THR D 42 36.06 -8.75 1.66
C THR D 42 34.88 -8.38 0.75
N ASP D 43 33.68 -8.52 1.29
CA ASP D 43 32.43 -8.11 0.61
C ASP D 43 32.33 -6.58 0.63
N PHE D 44 33.17 -5.93 1.42
CA PHE D 44 33.25 -4.45 1.40
C PHE D 44 34.08 -4.06 0.16
N ASP D 45 33.84 -2.84 -0.34
CA ASP D 45 34.59 -2.22 -1.44
C ASP D 45 36.01 -2.16 -0.90
N ALA D 46 37.01 -2.42 -1.73
CA ALA D 46 38.41 -2.37 -1.27
C ALA D 46 38.88 -0.91 -1.22
N ILE D 47 38.43 -0.12 -2.19
CA ILE D 47 38.74 1.31 -2.28
C ILE D 47 37.57 2.09 -1.59
N PRO D 48 37.85 2.77 -0.48
CA PRO D 48 36.87 3.52 0.31
C PRO D 48 36.17 4.71 -0.29
N GLY D 49 35.13 5.17 0.41
CA GLY D 49 34.38 6.37 0.02
C GLY D 49 32.96 6.18 -0.50
N GLY D 50 32.66 4.97 -0.98
CA GLY D 50 31.33 4.68 -1.51
C GLY D 50 30.38 4.07 -0.49
N ALA D 51 29.17 3.74 -0.91
CA ALA D 51 28.21 3.21 0.04
C ALA D 51 28.65 1.93 0.78
N ASN D 52 29.42 1.07 0.10
CA ASN D 52 29.86 -0.17 0.63
C ASN D 52 31.31 -0.13 1.12
N GLU D 53 31.82 1.03 1.52
CA GLU D 53 33.20 1.12 2.04
C GLU D 53 33.25 0.46 3.44
N VAL D 54 34.44 0.10 3.89
CA VAL D 54 34.62 -0.47 5.24
C VAL D 54 34.48 0.63 6.30
N GLN D 55 33.82 0.34 7.43
CA GLN D 55 33.82 1.23 8.59
C GLN D 55 33.77 0.30 9.79
N PRO D 56 34.45 0.66 10.89
CA PRO D 56 34.39 -0.22 12.04
C PRO D 56 32.93 -0.44 12.48
N ASN D 57 32.58 -1.67 12.78
CA ASN D 57 31.25 -2.05 13.20
C ASN D 57 30.15 -2.03 12.13
N LYS D 58 30.53 -1.81 10.87
CA LYS D 58 29.58 -1.79 9.77
C LYS D 58 29.50 -3.18 9.18
N ARG D 59 28.40 -3.53 8.53
CA ARG D 59 28.30 -4.86 7.91
C ARG D 59 28.53 -4.73 6.40
N PRO D 60 29.32 -5.64 5.81
CA PRO D 60 29.57 -5.57 4.36
C PRO D 60 28.31 -5.92 3.55
N LEU D 61 28.11 -5.25 2.40
CA LEU D 61 26.95 -5.51 1.56
C LEU D 61 26.84 -7.02 1.19
N SER D 62 25.65 -7.59 1.30
CA SER D 62 25.44 -8.99 0.91
C SER D 62 24.56 -8.98 -0.33
N SER D 63 24.47 -10.12 -1.02
CA SER D 63 23.52 -10.23 -2.13
C SER D 63 22.57 -11.37 -1.74
N MET D 64 22.64 -11.86 -0.48
CA MET D 64 21.73 -12.96 -0.13
C MET D 64 20.26 -12.53 -0.24
N THR D 65 19.44 -13.40 -0.85
CA THR D 65 18.07 -13.06 -1.14
C THR D 65 17.00 -14.06 -0.72
N PRO D 66 16.98 -14.46 0.57
CA PRO D 66 15.94 -15.40 1.07
C PRO D 66 14.64 -14.64 0.84
N THR D 67 13.68 -15.33 0.23
CA THR D 67 12.44 -14.70 -0.14
C THR D 67 11.23 -15.61 0.07
N ILE D 68 10.08 -15.00 0.33
CA ILE D 68 8.85 -15.78 0.48
C ILE D 68 7.78 -15.02 -0.30
N LEU D 69 7.04 -15.71 -1.17
CA LEU D 69 5.95 -15.09 -1.94
C LEU D 69 4.62 -15.52 -1.30
N PHE D 70 3.68 -14.59 -1.26
CA PHE D 70 2.35 -14.75 -0.66
C PHE D 70 1.26 -14.63 -1.69
N LYS D 71 0.16 -15.29 -1.40
CA LYS D 71 -0.99 -15.25 -2.30
C LYS D 71 -2.15 -15.26 -1.34
N ASP D 72 -2.99 -14.25 -1.44
CA ASP D 72 -4.16 -14.15 -0.58
C ASP D 72 -3.80 -14.26 0.88
N ASP D 73 -2.70 -13.58 1.21
CA ASP D 73 -2.17 -13.48 2.56
C ASP D 73 -1.54 -14.72 3.16
N LYS D 74 -1.38 -15.76 2.35
CA LYS D 74 -0.73 -16.95 2.88
C LYS D 74 0.54 -17.21 2.08
N PRO D 75 1.62 -17.69 2.75
CA PRO D 75 2.88 -17.96 2.06
C PRO D 75 2.70 -19.17 1.15
N VAL D 76 3.08 -19.01 -0.12
CA VAL D 76 2.92 -20.10 -1.09
C VAL D 76 4.21 -20.54 -1.76
N LEU D 77 5.28 -19.76 -1.64
CA LEU D 77 6.55 -20.20 -2.26
C LEU D 77 7.74 -19.63 -1.55
N THR D 78 8.78 -20.44 -1.34
CA THR D 78 10.00 -19.86 -0.81
C THR D 78 11.09 -20.04 -1.90
N VAL D 79 12.02 -19.08 -1.95
CA VAL D 79 13.11 -19.13 -2.90
C VAL D 79 14.33 -18.51 -2.26
N GLY D 80 15.47 -19.07 -2.61
CA GLY D 80 16.75 -18.52 -2.15
C GLY D 80 17.82 -19.25 -2.89
N SER D 81 19.05 -18.74 -2.80
CA SER D 81 20.14 -19.40 -3.50
C SER D 81 21.49 -18.81 -3.05
N PRO D 82 22.58 -19.59 -3.23
CA PRO D 82 23.92 -19.10 -2.86
C PRO D 82 24.49 -18.61 -4.22
N GLY D 83 25.69 -18.02 -4.22
CA GLY D 83 26.27 -17.61 -5.49
C GLY D 83 26.81 -16.19 -5.62
N GLY D 84 27.03 -15.50 -4.50
CA GLY D 84 27.55 -14.14 -4.58
C GLY D 84 26.59 -13.19 -5.28
N ALA D 85 27.09 -12.29 -6.11
CA ALA D 85 26.21 -11.35 -6.80
C ALA D 85 25.18 -12.02 -7.71
N THR D 86 25.44 -13.26 -8.11
CA THR D 86 24.52 -14.00 -8.97
C THR D 86 23.25 -14.40 -8.28
N ILE D 87 23.26 -14.45 -6.96
CA ILE D 87 22.07 -14.83 -6.22
C ILE D 87 20.80 -14.09 -6.67
N ILE D 88 20.89 -12.79 -6.87
CA ILE D 88 19.71 -12.02 -7.24
C ILE D 88 19.12 -12.51 -8.57
N SER D 89 20.01 -12.80 -9.53
CA SER D 89 19.62 -13.31 -10.83
C SER D 89 19.03 -14.72 -10.73
N SER D 90 19.54 -15.58 -9.84
CA SER D 90 18.97 -16.94 -9.70
C SER D 90 17.56 -16.92 -9.13
N VAL D 91 17.36 -16.07 -8.12
CA VAL D 91 16.06 -15.97 -7.47
C VAL D 91 15.11 -15.28 -8.43
N LEU D 92 15.58 -14.27 -9.14
CA LEU D 92 14.72 -13.61 -10.15
C LEU D 92 14.25 -14.65 -11.20
N GLN D 93 15.18 -15.40 -11.74
CA GLN D 93 14.89 -16.34 -12.79
C GLN D 93 13.98 -17.47 -12.35
N THR D 94 14.19 -18.01 -11.16
CA THR D 94 13.30 -19.06 -10.70
C THR D 94 11.88 -18.55 -10.59
N ILE D 95 11.70 -17.37 -10.01
CA ILE D 95 10.38 -16.78 -9.86
C ILE D 95 9.75 -16.47 -11.23
N LEU D 96 10.57 -16.04 -12.18
CA LEU D 96 10.08 -15.70 -13.52
C LEU D 96 9.52 -16.93 -14.22
N TYR D 97 10.29 -17.99 -14.19
CA TYR D 97 9.93 -19.25 -14.82
C TYR D 97 8.75 -19.92 -14.15
N HIS D 98 8.72 -19.91 -12.83
CA HIS D 98 7.61 -20.54 -12.14
C HIS D 98 6.35 -19.68 -12.25
N ILE D 99 6.48 -18.35 -12.17
CA ILE D 99 5.27 -17.53 -12.20
C ILE D 99 4.82 -16.95 -13.56
N GLU D 100 5.73 -16.26 -14.25
CA GLU D 100 5.40 -15.66 -15.54
C GLU D 100 5.26 -16.72 -16.65
N TYR D 101 6.06 -17.78 -16.62
CA TYR D 101 5.90 -18.85 -17.61
C TYR D 101 5.03 -20.02 -17.13
N GLY D 102 4.52 -19.94 -15.91
CA GLY D 102 3.69 -21.02 -15.39
C GLY D 102 4.38 -22.38 -15.36
N MET D 103 5.71 -22.40 -15.19
CA MET D 103 6.45 -23.67 -15.19
C MET D 103 6.38 -24.36 -13.84
N GLU D 104 6.31 -25.69 -13.87
CA GLU D 104 6.29 -26.54 -12.68
C GLU D 104 7.51 -26.12 -11.88
N LEU D 105 7.46 -26.21 -10.54
CA LEU D 105 8.60 -25.73 -9.73
C LEU D 105 9.95 -26.38 -10.01
N LYS D 106 10.05 -27.71 -10.09
CA LYS D 106 11.39 -28.27 -10.36
C LYS D 106 11.91 -27.80 -11.72
N ALA D 107 11.02 -27.71 -12.70
CA ALA D 107 11.48 -27.28 -14.04
C ALA D 107 11.94 -25.80 -13.98
N ALA D 108 11.19 -24.96 -13.27
CA ALA D 108 11.59 -23.55 -13.14
C ALA D 108 13.02 -23.49 -12.55
N VAL D 109 13.26 -24.27 -11.51
CA VAL D 109 14.56 -24.34 -10.87
C VAL D 109 15.67 -24.81 -11.81
N GLU D 110 15.36 -25.80 -12.63
CA GLU D 110 16.37 -26.28 -13.55
C GLU D 110 16.53 -25.46 -14.81
N GLU D 111 15.62 -24.52 -15.08
CA GLU D 111 15.77 -23.81 -16.38
C GLU D 111 17.16 -23.14 -16.43
N PRO D 112 17.87 -23.27 -17.56
CA PRO D 112 19.21 -22.66 -17.63
C PRO D 112 19.19 -21.15 -17.36
N ARG D 113 20.13 -20.71 -16.54
CA ARG D 113 20.21 -19.31 -16.17
C ARG D 113 21.35 -18.56 -16.82
N ILE D 114 21.28 -17.24 -16.75
CA ILE D 114 22.38 -16.39 -17.22
C ILE D 114 22.55 -15.36 -16.12
N TYR D 115 23.68 -14.65 -16.17
CA TYR D 115 23.95 -13.58 -15.25
C TYR D 115 24.94 -12.61 -15.88
N THR D 116 24.69 -11.31 -15.78
CA THR D 116 25.62 -10.33 -16.30
C THR D 116 25.42 -9.10 -15.44
N ASN D 117 26.45 -8.63 -14.77
CA ASN D 117 26.33 -7.42 -14.00
C ASN D 117 26.98 -6.23 -14.73
N SER D 118 27.63 -6.47 -15.86
CA SER D 118 28.30 -5.39 -16.64
C SER D 118 28.66 -5.87 -18.09
N MET D 119 29.15 -4.95 -18.92
CA MET D 119 29.53 -5.28 -20.29
C MET D 119 30.73 -6.22 -20.35
N SER D 120 31.44 -6.36 -19.23
CA SER D 120 32.59 -7.26 -19.22
C SER D 120 32.41 -8.48 -18.31
N SER D 121 31.19 -8.81 -17.92
CA SER D 121 31.04 -9.97 -17.00
C SER D 121 29.75 -10.65 -17.34
N TYR D 122 29.89 -11.82 -17.96
CA TYR D 122 28.75 -12.60 -18.41
C TYR D 122 28.90 -14.07 -17.99
N ARG D 123 27.77 -14.71 -17.70
CA ARG D 123 27.79 -16.14 -17.37
C ARG D 123 26.52 -16.77 -17.90
N TYR D 124 26.59 -18.00 -18.40
CA TYR D 124 25.38 -18.69 -18.83
C TYR D 124 25.52 -20.18 -18.52
N GLU D 125 24.41 -20.83 -18.24
CA GLU D 125 24.43 -22.26 -17.95
C GLU D 125 24.25 -23.09 -19.21
N ASP D 126 24.67 -24.34 -19.12
CA ASP D 126 24.55 -25.25 -20.25
C ASP D 126 23.08 -25.33 -20.59
N GLY D 127 22.75 -25.18 -21.85
CA GLY D 127 21.35 -25.28 -22.22
C GLY D 127 20.90 -24.01 -22.89
N VAL D 128 21.56 -22.91 -22.58
CA VAL D 128 21.15 -21.67 -23.24
C VAL D 128 21.49 -21.96 -24.72
N PRO D 129 20.49 -21.92 -25.61
CA PRO D 129 20.70 -22.20 -27.02
C PRO D 129 21.85 -21.46 -27.67
N LYS D 130 22.67 -22.16 -28.46
CA LYS D 130 23.80 -21.54 -29.16
C LYS D 130 23.34 -20.51 -30.20
N ASP D 131 22.32 -20.83 -30.97
CA ASP D 131 21.83 -19.87 -31.94
C ASP D 131 21.53 -18.59 -31.15
N VAL D 132 20.99 -18.77 -29.94
CA VAL D 132 20.66 -17.64 -29.09
C VAL D 132 21.91 -16.89 -28.62
N LEU D 133 22.93 -17.60 -28.15
CA LEU D 133 24.13 -16.93 -27.68
C LEU D 133 24.73 -16.08 -28.81
N SER D 134 24.65 -16.62 -30.03
CA SER D 134 25.17 -15.98 -31.23
C SER D 134 24.44 -14.72 -31.61
N LYS D 135 23.12 -14.77 -31.61
CA LYS D 135 22.32 -13.60 -31.94
C LYS D 135 22.58 -12.51 -30.87
N LEU D 136 22.68 -12.91 -29.60
CA LEU D 136 22.95 -11.99 -28.49
C LEU D 136 24.32 -11.35 -28.58
N ASN D 137 25.34 -12.18 -28.79
CA ASN D 137 26.70 -11.65 -28.89
C ASN D 137 26.90 -10.74 -30.11
N GLY D 138 26.19 -11.02 -31.20
CA GLY D 138 26.35 -10.14 -32.35
C GLY D 138 25.75 -8.77 -32.01
N MET D 139 24.77 -8.73 -31.09
CA MET D 139 24.15 -7.48 -30.69
C MET D 139 25.08 -6.60 -29.82
N GLY D 140 26.18 -7.17 -29.34
CA GLY D 140 27.09 -6.42 -28.46
C GLY D 140 27.34 -7.11 -27.10
N HIS D 141 26.55 -8.11 -26.74
CA HIS D 141 26.82 -8.83 -25.47
C HIS D 141 28.15 -9.60 -25.57
N LYS D 142 28.69 -10.03 -24.42
CA LYS D 142 29.99 -10.73 -24.39
C LYS D 142 29.98 -12.09 -23.66
N PHE D 143 29.01 -12.94 -23.99
CA PHE D 143 28.94 -14.28 -23.40
C PHE D 143 30.20 -15.03 -23.85
N GLY D 144 30.83 -15.76 -22.93
CA GLY D 144 32.05 -16.49 -23.22
C GLY D 144 31.84 -17.78 -24.00
N THR D 145 32.91 -18.54 -24.17
CA THR D 145 32.86 -19.78 -24.93
C THR D 145 32.37 -21.05 -24.21
N SER D 146 32.36 -21.04 -22.87
CA SER D 146 31.87 -22.21 -22.11
C SER D 146 30.91 -21.79 -21.00
N PRO D 147 29.96 -22.69 -20.65
CA PRO D 147 28.97 -22.43 -19.60
C PRO D 147 29.50 -22.70 -18.20
N VAL D 148 28.75 -22.25 -17.20
CA VAL D 148 29.07 -22.50 -15.79
C VAL D 148 27.72 -22.62 -15.09
N ASP D 149 27.70 -23.33 -13.96
CA ASP D 149 26.49 -23.48 -13.17
C ASP D 149 26.35 -22.12 -12.49
N ILE D 150 25.11 -21.72 -12.29
CA ILE D 150 24.80 -20.45 -11.64
C ILE D 150 23.77 -20.77 -10.57
N GLY D 151 24.18 -20.59 -9.32
CA GLY D 151 23.25 -20.78 -8.21
C GLY D 151 22.93 -22.19 -7.78
N ASN D 152 22.05 -22.27 -6.78
CA ASN D 152 21.66 -23.57 -6.23
C ASN D 152 20.41 -23.23 -5.46
N VAL D 153 19.29 -23.29 -6.15
CA VAL D 153 18.02 -22.89 -5.54
C VAL D 153 17.27 -24.01 -4.83
N GLN D 154 16.95 -23.83 -3.54
CA GLN D 154 16.10 -24.78 -2.79
C GLN D 154 14.79 -23.99 -2.65
N SER D 155 13.66 -24.67 -2.78
CA SER D 155 12.40 -23.95 -2.78
C SER D 155 11.27 -24.85 -2.32
N ILE D 156 10.29 -24.24 -1.65
CA ILE D 156 9.12 -25.00 -1.20
C ILE D 156 7.91 -24.23 -1.67
N SER D 157 6.94 -24.98 -2.14
CA SER D 157 5.65 -24.47 -2.63
C SER D 157 4.67 -25.01 -1.57
N ILE D 158 3.67 -24.22 -1.23
CA ILE D 158 2.66 -24.57 -0.24
C ILE D 158 1.30 -24.37 -0.89
N ASP D 159 0.49 -25.43 -0.90
CA ASP D 159 -0.87 -25.41 -1.48
C ASP D 159 -1.87 -25.38 -0.32
N HIS D 160 -2.44 -24.22 -0.02
CA HIS D 160 -3.36 -24.13 1.11
C HIS D 160 -4.72 -24.79 0.90
N GLU D 161 -5.15 -24.96 -0.35
CA GLU D 161 -6.44 -25.64 -0.60
C GLU D 161 -6.28 -27.11 -0.29
N ASN D 162 -5.15 -27.70 -0.65
CA ASN D 162 -4.96 -29.12 -0.42
C ASN D 162 -4.21 -29.46 0.87
N GLY D 163 -3.67 -28.45 1.55
CA GLY D 163 -2.90 -28.72 2.76
C GLY D 163 -1.67 -29.56 2.43
N THR D 164 -0.98 -29.28 1.32
CA THR D 164 0.19 -30.07 0.99
C THR D 164 1.36 -29.17 0.70
N PHE D 165 2.53 -29.77 0.56
CA PHE D 165 3.79 -29.03 0.35
C PHE D 165 4.58 -29.75 -0.74
N LYS D 166 5.43 -29.01 -1.44
CA LYS D 166 6.31 -29.59 -2.46
C LYS D 166 7.67 -28.98 -2.14
N GLY D 167 8.71 -29.79 -2.15
CA GLY D 167 10.06 -29.27 -1.90
C GLY D 167 10.92 -29.59 -3.11
N VAL D 168 11.85 -28.68 -3.45
CA VAL D 168 12.75 -28.89 -4.55
C VAL D 168 14.18 -28.50 -4.20
N ALA D 169 15.14 -29.25 -4.72
CA ALA D 169 16.54 -28.91 -4.47
C ALA D 169 17.12 -28.90 -5.85
N ASP D 170 17.91 -27.86 -6.15
CA ASP D 170 18.58 -27.64 -7.46
C ASP D 170 19.65 -28.77 -7.68
N SER D 171 19.68 -29.28 -8.90
CA SER D 171 20.63 -30.32 -9.26
C SER D 171 22.10 -29.82 -9.28
N SER D 172 22.34 -28.52 -9.09
CA SER D 172 23.71 -28.00 -9.07
C SER D 172 24.51 -28.49 -7.85
N ARG D 173 23.80 -28.99 -6.84
CA ARG D 173 24.49 -29.61 -5.71
C ARG D 173 23.68 -30.87 -5.39
N ASN D 174 24.10 -31.62 -4.38
CA ASN D 174 23.40 -32.88 -4.06
C ASN D 174 22.36 -32.72 -2.98
N GLY D 175 21.54 -31.69 -3.12
CA GLY D 175 20.53 -31.42 -2.11
C GLY D 175 19.41 -32.45 -2.10
N ALA D 176 18.60 -32.39 -1.04
CA ALA D 176 17.49 -33.30 -0.92
C ALA D 176 16.26 -32.56 -0.43
N ALA D 177 15.09 -32.92 -0.96
CA ALA D 177 13.84 -32.35 -0.43
C ALA D 177 13.20 -33.55 0.32
N ILE D 178 12.68 -33.32 1.53
CA ILE D 178 12.07 -34.40 2.30
C ILE D 178 10.77 -33.94 2.89
N GLY D 179 9.67 -34.55 2.43
CA GLY D 179 8.36 -34.21 2.91
C GLY D 179 8.07 -34.94 4.23
N ILE D 180 7.16 -34.39 5.02
CA ILE D 180 6.79 -35.01 6.29
C ILE D 180 5.32 -35.48 6.13
N ASN D 181 5.09 -36.75 6.42
CA ASN D 181 3.73 -37.36 6.36
C ASN D 181 3.54 -38.18 7.64
N LEU D 182 2.88 -37.56 8.59
CA LEU D 182 2.60 -38.17 9.88
C LEU D 182 1.41 -39.17 9.75
N LYS D 183 1.13 -39.94 10.78
CA LYS D 183 0.02 -40.91 10.72
C LYS D 183 -1.26 -40.27 11.25
N ARG D 184 -1.55 -39.06 10.81
CA ARG D 184 -2.73 -38.33 11.25
C ARG D 184 -3.61 -37.99 10.04
#